data_7PDR
#
_entry.id   7PDR
#
_cell.length_a   74.040
_cell.length_b   74.040
_cell.length_c   350.930
_cell.angle_alpha   90.000
_cell.angle_beta   90.000
_cell.angle_gamma   120.000
#
_symmetry.space_group_name_H-M   'P 65'
#
loop_
_entity.id
_entity.type
_entity.pdbx_description
1 polymer 'Acetylcholine-binding protein'
2 non-polymer 3-[3,5-bis(chloranyl)phenyl]-1-[(2-chloranyl-1,3-thiazol-5-yl)methyl]-9-methyl-pyrido[1,2-a]pyrimidine-2,4-dione
3 water water
#
_entity_poly.entity_id   1
_entity_poly.type   'polypeptide(L)'
_entity_poly.pdbx_seq_one_letter_code
;ADRADILYNIRQTSRPDVIPTQRDRPVAVSVSLKFINILEVNEITNEVDVVFWQRTTWSDRTLAWDSSHSPDQVSVPISS
LWVPDLAAYNAISKPEVLTPQLARVVSDGEVLYVPSIRQRFSCDVSGVDTESGATCRIKIGSWTHHSREISVDPTTENSD
DSEYFSQYSRFEILDVTQKKNSVTYSCCPEAYEDVEVSLNFRKKGRSEIL
;
_entity_poly.pdbx_strand_id   AaA,BaB,CaC,DaD,EaE
#
loop_
_chem_comp.id
_chem_comp.type
_chem_comp.name
_chem_comp.formula
7JI non-polymer 3-[3,5-bis(chloranyl)phenyl]-1-[(2-chloranyl-1,3-thiazol-5-yl)methyl]-9-methyl-pyrido[1,2-a]pyrimidine-2,4-dione 'C19 H12 Cl3 N3 O2 S'
#
# COMPACT_ATOMS: atom_id res chain seq x y z
N ALA A 1 -28.91 4.13 26.76
CA ALA A 1 -27.69 4.22 25.91
C ALA A 1 -27.94 3.63 24.49
N ASP A 2 -27.58 4.35 23.44
CA ASP A 2 -27.73 3.96 22.00
C ASP A 2 -26.37 3.51 21.44
N ARG A 3 -26.33 3.14 20.15
CA ARG A 3 -25.10 2.61 19.57
C ARG A 3 -23.95 3.60 19.74
N ALA A 4 -24.21 4.88 19.48
CA ALA A 4 -23.20 5.97 19.53
C ALA A 4 -22.58 6.02 20.95
N ASP A 5 -23.42 5.94 21.99
CA ASP A 5 -22.96 5.91 23.39
C ASP A 5 -22.09 4.69 23.64
N ILE A 6 -22.47 3.50 23.19
CA ILE A 6 -21.61 2.28 23.39
C ILE A 6 -20.24 2.52 22.72
N LEU A 7 -20.23 3.13 21.55
CA LEU A 7 -18.98 3.30 20.79
C LEU A 7 -18.09 4.38 21.40
N TYR A 8 -18.71 5.46 21.81
CA TYR A 8 -18.05 6.53 22.61
C TYR A 8 -17.39 5.93 23.85
N ASN A 9 -18.12 5.09 24.56
CA ASN A 9 -17.60 4.47 25.80
C ASN A 9 -16.41 3.55 25.45
N ILE A 10 -16.52 2.74 24.41
CA ILE A 10 -15.38 1.88 23.97
C ILE A 10 -14.18 2.76 23.64
N ARG A 11 -14.34 3.85 22.91
CA ARG A 11 -13.18 4.73 22.62
C ARG A 11 -12.56 5.31 23.93
N GLN A 12 -13.36 5.66 24.94
CA GLN A 12 -12.85 6.19 26.22
C GLN A 12 -12.16 5.09 27.05
N THR A 13 -12.57 3.82 26.97
CA THR A 13 -12.05 2.78 27.91
C THR A 13 -11.03 1.86 27.20
N SER A 14 -11.13 1.66 25.88
CA SER A 14 -10.31 0.63 25.19
C SER A 14 -8.85 1.09 25.14
N ARG A 15 -7.93 0.19 25.48
CA ARG A 15 -6.48 0.42 25.34
C ARG A 15 -5.96 -0.57 24.32
N PRO A 16 -5.93 -0.20 23.03
CA PRO A 16 -5.57 -1.14 21.97
C PRO A 16 -4.21 -1.80 22.18
N ASP A 17 -3.32 -1.18 22.93
CA ASP A 17 -1.90 -1.57 22.99
C ASP A 17 -1.67 -2.30 24.32
N VAL A 18 -2.72 -2.54 25.11
CA VAL A 18 -2.61 -3.15 26.47
C VAL A 18 -3.40 -4.45 26.46
N ILE A 19 -2.73 -5.55 26.69
CA ILE A 19 -3.41 -6.86 26.78
C ILE A 19 -4.37 -6.78 27.95
N PRO A 20 -5.66 -7.12 27.81
CA PRO A 20 -6.61 -7.03 28.93
C PRO A 20 -6.57 -8.20 29.92
N THR A 21 -5.43 -8.44 30.59
CA THR A 21 -5.29 -9.54 31.62
C THR A 21 -6.13 -9.22 32.84
N PRO A 26 -3.58 -15.06 32.31
CA PRO A 26 -3.54 -15.03 30.83
C PRO A 26 -4.93 -14.74 30.21
N VAL A 27 -4.94 -13.99 29.11
CA VAL A 27 -6.14 -13.84 28.23
C VAL A 27 -6.32 -15.13 27.43
N ALA A 28 -7.47 -15.77 27.62
CA ALA A 28 -7.87 -17.01 26.93
C ALA A 28 -8.42 -16.63 25.55
N VAL A 29 -7.65 -16.92 24.51
CA VAL A 29 -8.02 -16.62 23.10
C VAL A 29 -8.41 -17.93 22.42
N SER A 30 -9.61 -17.97 21.90
CA SER A 30 -10.15 -19.11 21.12
C SER A 30 -9.91 -18.83 19.63
N VAL A 31 -9.37 -19.80 18.91
CA VAL A 31 -8.98 -19.73 17.48
C VAL A 31 -9.45 -20.98 16.77
N SER A 32 -10.14 -20.79 15.65
CA SER A 32 -10.81 -21.85 14.87
C SER A 32 -10.70 -21.43 13.39
N LEU A 33 -10.00 -22.17 12.54
CA LEU A 33 -9.99 -21.90 11.09
C LEU A 33 -11.13 -22.66 10.40
N LYS A 34 -11.85 -21.99 9.50
CA LYS A 34 -12.79 -22.60 8.54
C LYS A 34 -12.24 -22.37 7.15
N PHE A 35 -11.84 -23.44 6.48
CA PHE A 35 -11.25 -23.36 5.12
C PHE A 35 -12.33 -23.07 4.12
N ILE A 36 -12.10 -22.07 3.31
CA ILE A 36 -13.05 -21.63 2.25
C ILE A 36 -12.53 -22.07 0.88
N ASN A 37 -11.23 -22.11 0.67
CA ASN A 37 -10.69 -22.34 -0.68
C ASN A 37 -9.23 -22.78 -0.58
N ILE A 38 -8.83 -23.61 -1.50
CA ILE A 38 -7.41 -23.96 -1.76
C ILE A 38 -7.18 -23.56 -3.21
N LEU A 39 -6.33 -22.58 -3.46
CA LEU A 39 -6.21 -21.87 -4.75
C LEU A 39 -5.07 -22.44 -5.60
N GLU A 40 -3.92 -22.71 -4.99
CA GLU A 40 -2.66 -23.11 -5.62
C GLU A 40 -2.01 -24.08 -4.64
N VAL A 41 -1.53 -25.17 -5.17
CA VAL A 41 -0.72 -26.18 -4.46
C VAL A 41 0.45 -26.47 -5.40
N ASN A 42 1.65 -26.54 -4.87
CA ASN A 42 2.87 -26.88 -5.63
C ASN A 42 3.56 -28.03 -4.91
N GLU A 43 3.55 -29.23 -5.49
CA GLU A 43 4.06 -30.48 -4.92
C GLU A 43 5.60 -30.40 -4.79
N ILE A 44 6.22 -29.65 -5.71
CA ILE A 44 7.71 -29.53 -5.81
C ILE A 44 8.24 -28.58 -4.72
N THR A 45 7.62 -27.39 -4.59
CA THR A 45 8.05 -26.35 -3.63
C THR A 45 7.37 -26.56 -2.28
N ASN A 46 6.38 -27.46 -2.16
CA ASN A 46 5.66 -27.70 -0.89
C ASN A 46 5.07 -26.37 -0.38
N GLU A 47 4.24 -25.74 -1.21
CA GLU A 47 3.62 -24.43 -0.94
C GLU A 47 2.16 -24.57 -1.29
N VAL A 48 1.30 -24.00 -0.45
CA VAL A 48 -0.16 -23.93 -0.70
C VAL A 48 -0.59 -22.48 -0.50
N ASP A 49 -1.60 -22.06 -1.24
CA ASP A 49 -2.27 -20.75 -1.16
C ASP A 49 -3.68 -21.07 -0.72
N VAL A 50 -4.12 -20.63 0.45
CA VAL A 50 -5.47 -20.97 0.97
C VAL A 50 -6.23 -19.71 1.39
N VAL A 51 -7.53 -19.83 1.46
CA VAL A 51 -8.47 -18.83 2.00
C VAL A 51 -9.16 -19.49 3.19
N PHE A 52 -9.15 -18.84 4.35
CA PHE A 52 -9.83 -19.33 5.56
C PHE A 52 -10.39 -18.17 6.39
N TRP A 53 -11.48 -18.46 7.08
CA TRP A 53 -12.07 -17.63 8.15
C TRP A 53 -11.32 -17.98 9.43
N GLN A 54 -10.72 -16.99 10.07
CA GLN A 54 -10.02 -17.23 11.34
C GLN A 54 -10.93 -16.75 12.47
N ARG A 55 -11.80 -17.62 12.97
CA ARG A 55 -12.74 -17.25 14.06
C ARG A 55 -11.93 -17.06 15.32
N THR A 56 -11.94 -15.85 15.87
CA THR A 56 -11.08 -15.45 17.00
C THR A 56 -11.98 -14.82 18.05
N THR A 57 -11.98 -15.37 19.26
CA THR A 57 -12.76 -14.80 20.38
C THR A 57 -11.85 -14.68 21.62
N TRP A 58 -12.17 -13.71 22.43
CA TRP A 58 -11.52 -13.47 23.73
C TRP A 58 -12.45 -12.56 24.51
N SER A 59 -12.05 -12.29 25.74
CA SER A 59 -12.81 -11.44 26.67
C SER A 59 -11.98 -10.20 27.00
N ASP A 60 -12.59 -9.03 26.94
CA ASP A 60 -12.03 -7.76 27.51
C ASP A 60 -13.11 -7.17 28.41
N ARG A 61 -13.10 -7.55 29.70
CA ARG A 61 -14.16 -7.13 30.67
C ARG A 61 -14.27 -5.60 30.76
N THR A 62 -13.18 -4.89 30.55
CA THR A 62 -13.19 -3.40 30.65
C THR A 62 -14.18 -2.78 29.65
N LEU A 63 -14.55 -3.50 28.56
CA LEU A 63 -15.43 -2.98 27.48
C LEU A 63 -16.91 -3.13 27.85
N ALA A 64 -17.21 -3.83 28.94
CA ALA A 64 -18.59 -4.28 29.23
C ALA A 64 -19.48 -3.06 29.51
N TRP A 65 -20.78 -3.22 29.23
CA TRP A 65 -21.83 -2.20 29.52
C TRP A 65 -23.14 -2.90 29.92
N ASP A 66 -24.06 -2.15 30.50
CA ASP A 66 -25.41 -2.64 30.87
C ASP A 66 -26.27 -2.61 29.59
N SER A 67 -26.81 -3.74 29.17
CA SER A 67 -27.61 -3.87 27.92
C SER A 67 -29.05 -4.29 28.22
N SER A 68 -29.55 -4.09 29.45
CA SER A 68 -31.00 -4.31 29.76
C SER A 68 -31.82 -3.34 28.90
N HIS A 69 -31.38 -2.08 28.73
CA HIS A 69 -32.10 -1.04 27.94
C HIS A 69 -31.22 -0.51 26.79
N SER A 70 -30.44 -1.36 26.13
CA SER A 70 -29.62 -0.96 24.96
C SER A 70 -29.20 -2.16 24.14
N PRO A 71 -28.57 -1.95 22.96
CA PRO A 71 -28.07 -3.07 22.13
C PRO A 71 -27.04 -3.88 22.90
N ASP A 72 -27.06 -5.20 22.74
CA ASP A 72 -26.13 -6.08 23.51
C ASP A 72 -24.88 -6.35 22.68
N GLN A 73 -24.78 -5.85 21.45
CA GLN A 73 -23.62 -6.10 20.55
C GLN A 73 -23.44 -4.92 19.61
N VAL A 74 -22.20 -4.56 19.36
CA VAL A 74 -21.87 -3.56 18.29
C VAL A 74 -20.70 -4.07 17.46
N SER A 75 -20.59 -3.51 16.26
CA SER A 75 -19.43 -3.63 15.36
C SER A 75 -18.44 -2.49 15.67
N VAL A 76 -17.18 -2.81 15.87
CA VAL A 76 -16.12 -1.84 16.22
C VAL A 76 -14.95 -2.09 15.31
N PRO A 77 -14.32 -1.06 14.73
CA PRO A 77 -13.08 -1.25 13.98
C PRO A 77 -12.01 -1.83 14.91
N ILE A 78 -11.22 -2.76 14.42
CA ILE A 78 -10.22 -3.43 15.29
C ILE A 78 -9.14 -2.42 15.72
N SER A 79 -8.94 -1.31 14.98
CA SER A 79 -7.92 -0.31 15.38
C SER A 79 -8.34 0.33 16.70
N SER A 80 -9.62 0.24 17.11
CA SER A 80 -10.10 0.76 18.41
C SER A 80 -9.98 -0.25 19.55
N LEU A 81 -9.57 -1.49 19.31
CA LEU A 81 -9.61 -2.56 20.34
C LEU A 81 -8.22 -3.19 20.48
N TRP A 82 -7.93 -3.80 21.60
CA TRP A 82 -6.80 -4.72 21.69
C TRP A 82 -7.14 -5.95 20.86
N VAL A 83 -6.17 -6.45 20.11
CA VAL A 83 -6.36 -7.67 19.28
C VAL A 83 -5.17 -8.57 19.54
N PRO A 84 -5.39 -9.89 19.69
CA PRO A 84 -4.28 -10.82 19.83
C PRO A 84 -3.31 -10.72 18.64
N ASP A 85 -2.02 -10.75 18.90
CA ASP A 85 -0.93 -10.65 17.90
C ASP A 85 -0.64 -12.05 17.32
N LEU A 86 -1.67 -12.72 16.82
CA LEU A 86 -1.57 -14.11 16.28
C LEU A 86 -0.78 -14.11 14.99
N ALA A 87 0.08 -15.09 14.77
CA ALA A 87 0.77 -15.28 13.48
C ALA A 87 0.91 -16.76 13.17
N ALA A 88 1.00 -17.05 11.90
CA ALA A 88 1.24 -18.41 11.42
C ALA A 88 2.73 -18.55 11.31
N TYR A 89 3.33 -19.52 12.00
CA TYR A 89 4.80 -19.75 12.04
C TYR A 89 5.30 -20.20 10.66
N ASN A 90 4.51 -20.89 9.84
CA ASN A 90 5.00 -21.38 8.54
C ASN A 90 4.35 -20.56 7.40
N ALA A 91 3.82 -19.36 7.68
CA ALA A 91 3.41 -18.43 6.61
C ALA A 91 4.62 -17.99 5.81
N ILE A 92 4.48 -17.83 4.50
CA ILE A 92 5.53 -17.29 3.63
C ILE A 92 4.98 -16.10 2.87
N SER A 93 3.79 -15.64 3.19
CA SER A 93 3.27 -14.33 2.71
C SER A 93 2.59 -13.65 3.90
N LYS A 94 2.46 -12.34 3.82
CA LYS A 94 1.62 -11.54 4.76
C LYS A 94 0.19 -12.05 4.66
N PRO A 95 -0.57 -12.08 5.76
CA PRO A 95 -2.00 -12.40 5.68
C PRO A 95 -2.73 -11.29 4.90
N GLU A 96 -3.45 -11.63 3.82
CA GLU A 96 -4.27 -10.67 3.05
C GLU A 96 -5.67 -10.78 3.64
N VAL A 97 -6.08 -9.79 4.45
CA VAL A 97 -7.43 -9.76 5.06
C VAL A 97 -8.37 -9.28 3.98
N LEU A 98 -9.32 -10.11 3.60
CA LEU A 98 -10.19 -9.82 2.42
C LEU A 98 -11.40 -9.03 2.90
N THR A 99 -11.69 -9.00 4.20
CA THR A 99 -12.98 -8.57 4.75
C THR A 99 -12.81 -7.29 5.53
N PRO A 100 -13.87 -6.51 5.74
CA PRO A 100 -13.82 -5.34 6.62
C PRO A 100 -13.25 -5.71 8.01
N GLN A 101 -12.33 -4.89 8.50
CA GLN A 101 -11.58 -5.12 9.74
C GLN A 101 -12.38 -4.61 10.95
N LEU A 102 -13.57 -5.19 11.15
CA LEU A 102 -14.50 -4.87 12.22
C LEU A 102 -14.58 -6.12 13.10
N ALA A 103 -14.61 -5.93 14.42
CA ALA A 103 -14.92 -6.98 15.39
C ALA A 103 -16.32 -6.74 15.92
N ARG A 104 -16.91 -7.74 16.56
CA ARG A 104 -18.15 -7.62 17.34
C ARG A 104 -17.79 -7.59 18.82
N VAL A 105 -18.33 -6.64 19.52
CA VAL A 105 -18.17 -6.55 20.99
C VAL A 105 -19.54 -6.77 21.58
N VAL A 106 -19.60 -7.74 22.49
CA VAL A 106 -20.82 -8.12 23.26
C VAL A 106 -20.78 -7.39 24.61
N SER A 107 -21.94 -7.08 25.17
CA SER A 107 -22.08 -6.23 26.38
C SER A 107 -21.39 -6.86 27.59
N ASP A 108 -21.18 -8.18 27.60
CA ASP A 108 -20.45 -8.86 28.71
C ASP A 108 -18.94 -8.69 28.53
N GLY A 109 -18.48 -8.01 27.47
CA GLY A 109 -17.04 -7.82 27.17
C GLY A 109 -16.43 -8.90 26.26
N GLU A 110 -17.22 -9.80 25.69
CA GLU A 110 -16.70 -10.78 24.72
C GLU A 110 -16.40 -10.03 23.41
N VAL A 111 -15.26 -10.31 22.82
CA VAL A 111 -14.93 -9.79 21.47
C VAL A 111 -14.84 -10.98 20.49
N LEU A 112 -15.43 -10.80 19.30
CA LEU A 112 -15.40 -11.81 18.20
C LEU A 112 -14.86 -11.12 16.93
N TYR A 113 -13.80 -11.67 16.35
CA TYR A 113 -13.16 -11.16 15.13
C TYR A 113 -13.03 -12.32 14.14
N VAL A 114 -13.56 -12.15 12.92
CA VAL A 114 -13.60 -13.25 11.92
C VAL A 114 -13.14 -12.69 10.59
N PRO A 115 -11.83 -12.44 10.45
CA PRO A 115 -11.31 -12.07 9.16
C PRO A 115 -11.25 -13.29 8.21
N SER A 116 -11.55 -13.02 6.96
CA SER A 116 -11.31 -13.92 5.84
C SER A 116 -9.91 -13.60 5.36
N ILE A 117 -9.04 -14.60 5.41
CA ILE A 117 -7.61 -14.44 5.11
C ILE A 117 -7.21 -15.31 3.92
N ARG A 118 -6.50 -14.73 2.99
CA ARG A 118 -5.75 -15.43 1.95
C ARG A 118 -4.27 -15.40 2.34
N GLN A 119 -3.63 -16.55 2.40
CA GLN A 119 -2.23 -16.63 2.82
C GLN A 119 -1.56 -17.85 2.18
N ARG A 120 -0.26 -17.77 2.00
CA ARG A 120 0.58 -18.83 1.42
CA ARG A 120 0.58 -18.83 1.42
C ARG A 120 1.38 -19.47 2.56
N PHE A 121 1.46 -20.79 2.57
CA PHE A 121 2.16 -21.55 3.61
C PHE A 121 3.16 -22.53 2.96
N SER A 122 4.23 -22.77 3.72
CA SER A 122 5.23 -23.83 3.51
C SER A 122 4.76 -25.01 4.37
N CYS A 123 4.41 -26.11 3.75
CA CYS A 123 3.90 -27.30 4.48
C CYS A 123 3.94 -28.54 3.57
N ASP A 124 3.64 -29.70 4.12
CA ASP A 124 3.81 -31.01 3.43
C ASP A 124 2.67 -31.20 2.43
N VAL A 125 3.00 -31.10 1.15
CA VAL A 125 2.05 -31.25 0.02
C VAL A 125 2.20 -32.67 -0.57
N SER A 126 3.13 -33.49 -0.07
CA SER A 126 3.30 -34.88 -0.58
C SER A 126 1.99 -35.67 -0.38
N GLY A 127 1.57 -36.39 -1.41
CA GLY A 127 0.38 -37.24 -1.45
C GLY A 127 -0.86 -36.49 -1.95
N VAL A 128 -0.74 -35.22 -2.32
CA VAL A 128 -1.94 -34.38 -2.67
C VAL A 128 -2.74 -35.02 -3.81
N ASP A 129 -2.08 -35.64 -4.79
CA ASP A 129 -2.70 -36.23 -6.01
C ASP A 129 -3.03 -37.71 -5.77
N THR A 130 -3.00 -38.18 -4.52
CA THR A 130 -3.41 -39.54 -4.12
C THR A 130 -4.78 -39.49 -3.43
N GLU A 131 -5.31 -40.67 -3.14
CA GLU A 131 -6.62 -40.89 -2.50
C GLU A 131 -6.50 -40.46 -1.03
N SER A 132 -5.36 -40.72 -0.39
CA SER A 132 -5.15 -40.43 1.04
C SER A 132 -4.92 -38.93 1.21
N GLY A 133 -4.37 -38.30 0.17
CA GLY A 133 -4.21 -36.84 0.13
C GLY A 133 -2.98 -36.39 0.87
N ALA A 134 -2.81 -35.08 1.00
CA ALA A 134 -1.71 -34.43 1.74
C ALA A 134 -2.23 -33.98 3.10
N THR A 135 -1.32 -33.87 4.06
CA THR A 135 -1.60 -33.25 5.37
C THR A 135 -0.71 -32.02 5.51
N CYS A 136 -1.30 -30.84 5.38
CA CYS A 136 -0.62 -29.53 5.54
C CYS A 136 -0.89 -29.03 6.96
N ARG A 137 0.16 -28.83 7.75
CA ARG A 137 0.06 -28.35 9.15
C ARG A 137 0.34 -26.85 9.17
N ILE A 138 -0.61 -26.09 9.72
CA ILE A 138 -0.52 -24.62 9.93
C ILE A 138 -0.49 -24.37 11.45
N LYS A 139 0.60 -23.79 11.94
CA LYS A 139 0.86 -23.48 13.37
C LYS A 139 0.52 -21.99 13.59
N ILE A 140 -0.51 -21.69 14.37
CA ILE A 140 -0.89 -20.28 14.68
C ILE A 140 -0.80 -20.06 16.18
N GLY A 141 -0.05 -19.04 16.60
CA GLY A 141 0.02 -18.58 17.99
C GLY A 141 0.32 -17.09 18.14
N SER A 142 0.38 -16.61 19.38
CA SER A 142 0.84 -15.25 19.70
C SER A 142 2.32 -15.17 19.34
N TRP A 143 2.71 -14.12 18.64
CA TRP A 143 4.12 -13.90 18.25
C TRP A 143 4.91 -13.43 19.47
N THR A 144 4.34 -12.60 20.36
CA THR A 144 5.16 -11.92 21.40
C THR A 144 4.68 -12.22 22.83
N HIS A 145 3.55 -12.89 23.02
CA HIS A 145 2.98 -13.14 24.37
C HIS A 145 3.14 -14.62 24.68
N HIS A 146 3.94 -14.95 25.68
CA HIS A 146 4.06 -16.33 26.20
C HIS A 146 2.78 -16.74 26.95
N SER A 147 2.74 -17.99 27.37
CA SER A 147 1.56 -18.70 27.91
C SER A 147 1.02 -18.06 29.21
N ARG A 148 1.82 -17.31 29.96
CA ARG A 148 1.30 -16.61 31.18
C ARG A 148 0.52 -15.35 30.76
N GLU A 149 0.64 -14.90 29.50
CA GLU A 149 -0.03 -13.66 29.02
C GLU A 149 -1.17 -14.01 28.07
N ILE A 150 -0.98 -15.00 27.20
CA ILE A 150 -2.06 -15.42 26.27
C ILE A 150 -2.06 -16.95 26.22
N SER A 151 -3.23 -17.56 26.39
CA SER A 151 -3.44 -18.99 26.10
C SER A 151 -4.29 -19.07 24.83
N VAL A 152 -3.94 -19.98 23.94
CA VAL A 152 -4.66 -20.20 22.67
C VAL A 152 -5.36 -21.54 22.77
N ASP A 153 -6.68 -21.54 22.59
CA ASP A 153 -7.58 -22.72 22.78
C ASP A 153 -8.29 -22.99 21.46
N PRO A 154 -8.22 -24.18 20.85
CA PRO A 154 -9.05 -24.46 19.68
C PRO A 154 -10.50 -24.79 20.02
N THR A 155 -11.37 -24.90 19.01
CA THR A 155 -12.83 -25.21 19.12
C THR A 155 -13.16 -26.33 18.13
N ASP A 160 -18.09 -30.68 10.82
CA ASP A 160 -18.19 -30.63 9.33
C ASP A 160 -17.23 -29.58 8.72
N ASP A 161 -15.95 -29.96 8.57
CA ASP A 161 -14.79 -29.05 8.28
C ASP A 161 -14.93 -28.42 6.87
N SER A 162 -15.74 -29.06 6.03
CA SER A 162 -15.99 -28.75 4.59
C SER A 162 -17.31 -27.99 4.37
N GLU A 163 -18.01 -27.58 5.42
CA GLU A 163 -19.36 -26.94 5.35
C GLU A 163 -19.33 -25.65 4.51
N TYR A 164 -18.24 -24.87 4.57
CA TYR A 164 -18.11 -23.55 3.90
C TYR A 164 -17.08 -23.60 2.74
N PHE A 165 -16.54 -24.76 2.44
CA PHE A 165 -15.48 -24.94 1.44
C PHE A 165 -16.06 -24.81 0.04
N SER A 166 -15.42 -24.04 -0.82
CA SER A 166 -15.92 -23.77 -2.20
C SER A 166 -16.02 -25.12 -2.95
N GLN A 167 -17.16 -25.38 -3.58
CA GLN A 167 -17.33 -26.54 -4.47
C GLN A 167 -16.51 -26.35 -5.77
N TYR A 168 -15.93 -25.19 -6.02
CA TYR A 168 -15.30 -24.84 -7.31
C TYR A 168 -13.78 -24.96 -7.26
N SER A 169 -13.22 -25.17 -6.08
CA SER A 169 -11.82 -25.55 -5.88
C SER A 169 -11.49 -26.83 -6.67
N ARG A 170 -10.26 -26.96 -7.15
CA ARG A 170 -9.74 -28.19 -7.77
C ARG A 170 -9.47 -29.22 -6.67
N PHE A 171 -9.45 -28.79 -5.41
CA PHE A 171 -9.14 -29.63 -4.23
C PHE A 171 -10.42 -29.84 -3.42
N GLU A 172 -10.40 -30.84 -2.55
CA GLU A 172 -11.50 -31.16 -1.60
C GLU A 172 -10.88 -31.48 -0.25
N ILE A 173 -11.65 -31.24 0.83
CA ILE A 173 -11.15 -31.47 2.20
C ILE A 173 -11.63 -32.82 2.68
N LEU A 174 -10.69 -33.65 3.14
CA LEU A 174 -10.98 -34.97 3.77
C LEU A 174 -11.21 -34.76 5.27
N ASP A 175 -10.36 -33.97 5.93
CA ASP A 175 -10.35 -33.81 7.40
C ASP A 175 -9.61 -32.54 7.79
N VAL A 176 -10.13 -31.82 8.77
CA VAL A 176 -9.40 -30.74 9.50
C VAL A 176 -9.39 -31.09 10.98
N THR A 177 -8.20 -31.17 11.58
CA THR A 177 -7.92 -31.46 13.00
C THR A 177 -7.27 -30.20 13.62
N GLN A 178 -7.70 -29.77 14.80
CA GLN A 178 -7.18 -28.54 15.48
C GLN A 178 -6.70 -28.93 16.86
N LYS A 179 -5.38 -28.99 17.09
CA LYS A 179 -4.76 -29.49 18.35
C LYS A 179 -3.93 -28.36 19.01
N LYS A 180 -4.07 -28.24 20.32
CA LYS A 180 -3.25 -27.38 21.22
C LYS A 180 -1.81 -27.89 21.24
N ASN A 181 -0.85 -26.97 21.31
CA ASN A 181 0.61 -27.25 21.31
C ASN A 181 1.30 -26.07 21.99
N SER A 182 2.61 -26.19 22.19
CA SER A 182 3.48 -25.19 22.83
C SER A 182 4.84 -25.17 22.10
N VAL A 183 5.44 -24.00 21.95
CA VAL A 183 6.84 -23.87 21.45
C VAL A 183 7.66 -23.18 22.53
N THR A 184 8.95 -23.52 22.59
CA THR A 184 9.93 -22.94 23.55
C THR A 184 11.24 -22.71 22.79
N TYR A 185 11.99 -21.64 23.12
CA TYR A 185 13.22 -21.22 22.40
C TYR A 185 14.46 -21.39 23.28
N SER A 186 15.60 -21.74 22.65
CA SER A 186 16.89 -22.06 23.32
C SER A 186 17.22 -20.98 24.38
N CYS A 187 17.02 -19.70 24.05
CA CYS A 187 17.31 -18.50 24.91
C CYS A 187 16.67 -18.64 26.31
N CYS A 188 15.38 -18.95 26.37
CA CYS A 188 14.45 -18.52 27.46
C CYS A 188 13.59 -19.69 27.93
N PRO A 189 13.06 -19.61 29.17
CA PRO A 189 12.17 -20.64 29.71
C PRO A 189 10.72 -20.51 29.21
N GLU A 190 10.37 -19.36 28.63
CA GLU A 190 8.96 -18.98 28.26
C GLU A 190 8.44 -20.01 27.24
N ALA A 191 7.20 -20.48 27.42
CA ALA A 191 6.48 -21.25 26.38
C ALA A 191 5.45 -20.36 25.62
N TYR A 192 5.36 -20.53 24.30
CA TYR A 192 4.36 -19.83 23.43
C TYR A 192 3.31 -20.85 22.98
N GLU A 193 2.04 -20.62 23.31
CA GLU A 193 0.96 -21.57 22.97
C GLU A 193 0.57 -21.37 21.51
N ASP A 194 0.26 -22.47 20.84
CA ASP A 194 -0.20 -22.41 19.43
C ASP A 194 -1.32 -23.43 19.24
N VAL A 195 -2.07 -23.22 18.17
CA VAL A 195 -2.95 -24.26 17.57
C VAL A 195 -2.25 -24.78 16.31
N GLU A 196 -2.13 -26.09 16.22
CA GLU A 196 -1.69 -26.82 15.01
C GLU A 196 -2.95 -27.26 14.27
N VAL A 197 -3.21 -26.69 13.10
CA VAL A 197 -4.35 -27.03 12.26
C VAL A 197 -3.85 -27.95 11.16
N SER A 198 -4.40 -29.16 11.12
CA SER A 198 -3.98 -30.23 10.18
C SER A 198 -5.04 -30.32 9.10
N LEU A 199 -4.72 -29.80 7.91
CA LEU A 199 -5.63 -29.83 6.74
C LEU A 199 -5.24 -31.05 5.89
N ASN A 200 -6.06 -32.09 5.93
CA ASN A 200 -5.92 -33.30 5.07
C ASN A 200 -6.81 -33.05 3.84
N PHE A 201 -6.20 -32.89 2.68
CA PHE A 201 -6.93 -32.52 1.45
C PHE A 201 -6.32 -33.23 0.25
N ARG A 202 -7.02 -33.22 -0.88
CA ARG A 202 -6.50 -33.84 -2.11
C ARG A 202 -7.09 -33.21 -3.35
N LYS A 203 -6.42 -33.43 -4.48
CA LYS A 203 -6.94 -33.04 -5.81
C LYS A 203 -8.17 -33.89 -6.10
N LYS A 204 -9.19 -33.32 -6.73
CA LYS A 204 -10.47 -34.06 -6.98
C LYS A 204 -10.32 -35.16 -8.06
N ALA B 1 1.95 -0.94 40.10
CA ALA B 1 1.90 -0.59 38.63
C ALA B 1 1.50 -1.83 37.79
N ASP B 2 0.47 -1.69 36.94
CA ASP B 2 -0.06 -2.76 36.03
C ASP B 2 0.44 -2.51 34.59
N ARG B 3 0.04 -3.37 33.65
CA ARG B 3 0.55 -3.29 32.26
C ARG B 3 0.22 -1.92 31.68
N ALA B 4 -1.00 -1.42 31.90
CA ALA B 4 -1.46 -0.11 31.36
C ALA B 4 -0.53 1.02 31.83
N ASP B 5 -0.17 1.01 33.11
CA ASP B 5 0.75 2.01 33.71
C ASP B 5 2.12 1.91 33.04
N ILE B 6 2.68 0.71 32.88
CA ILE B 6 4.02 0.56 32.23
C ILE B 6 3.93 1.14 30.83
N LEU B 7 2.84 0.89 30.11
CA LEU B 7 2.76 1.27 28.70
C LEU B 7 2.57 2.77 28.56
N TYR B 8 1.71 3.34 29.40
CA TYR B 8 1.55 4.81 29.53
C TYR B 8 2.90 5.46 29.80
N ASN B 9 3.68 4.91 30.73
CA ASN B 9 5.00 5.50 31.08
C ASN B 9 5.95 5.39 29.91
N ILE B 10 6.00 4.25 29.23
CA ILE B 10 6.83 4.08 28.01
C ILE B 10 6.41 5.13 26.99
N ARG B 11 5.12 5.32 26.72
CA ARG B 11 4.70 6.32 25.71
C ARG B 11 5.12 7.73 26.13
N GLN B 12 5.06 8.07 27.40
CA GLN B 12 5.40 9.40 27.96
C GLN B 12 6.92 9.64 27.86
N THR B 13 7.77 8.62 27.99
CA THR B 13 9.25 8.82 28.04
C THR B 13 9.91 8.45 26.70
N SER B 14 9.35 7.53 25.92
CA SER B 14 9.93 7.03 24.64
C SER B 14 9.91 8.14 23.60
N ARG B 15 11.04 8.30 22.92
CA ARG B 15 11.19 9.26 21.81
C ARG B 15 11.51 8.42 20.58
N PRO B 16 10.50 8.01 19.80
CA PRO B 16 10.72 7.11 18.68
C PRO B 16 11.75 7.62 17.67
N ASP B 17 11.97 8.94 17.60
CA ASP B 17 12.83 9.54 16.55
C ASP B 17 14.21 9.83 17.11
N VAL B 18 14.48 9.50 18.37
CA VAL B 18 15.74 9.88 19.05
C VAL B 18 16.50 8.61 19.41
N ILE B 19 17.69 8.46 18.85
CA ILE B 19 18.53 7.28 19.17
C ILE B 19 18.86 7.38 20.66
N PRO B 20 18.65 6.32 21.47
CA PRO B 20 18.93 6.40 22.91
C PRO B 20 20.40 6.27 23.31
N THR B 21 21.30 7.13 22.84
CA THR B 21 22.73 7.11 23.23
C THR B 21 22.82 7.55 24.70
N GLN B 22 23.53 6.75 25.48
CA GLN B 22 23.85 6.86 26.92
C GLN B 22 25.28 7.44 26.93
N ARG B 23 25.51 8.58 27.62
CA ARG B 23 26.80 9.33 27.56
C ARG B 23 26.98 9.71 26.08
N ASP B 24 28.18 9.52 25.54
CA ASP B 24 28.44 9.67 24.09
C ASP B 24 28.78 8.31 23.47
N ARG B 25 28.31 7.21 24.08
CA ARG B 25 28.48 5.83 23.57
C ARG B 25 27.51 5.57 22.42
N PRO B 26 27.94 4.77 21.42
CA PRO B 26 27.01 4.21 20.47
C PRO B 26 26.01 3.28 21.17
N VAL B 27 24.81 3.16 20.59
CA VAL B 27 23.83 2.10 20.90
C VAL B 27 24.31 0.79 20.27
N ALA B 28 24.53 -0.22 21.10
CA ALA B 28 24.97 -1.59 20.71
C ALA B 28 23.74 -2.35 20.25
N VAL B 29 23.64 -2.61 18.95
CA VAL B 29 22.50 -3.34 18.37
C VAL B 29 23.00 -4.74 18.02
N SER B 30 22.36 -5.75 18.60
CA SER B 30 22.64 -7.17 18.29
C SER B 30 21.64 -7.63 17.20
N VAL B 31 22.16 -8.25 16.14
CA VAL B 31 21.42 -8.71 14.94
C VAL B 31 21.83 -10.13 14.62
N SER B 32 20.85 -11.00 14.47
CA SER B 32 21.02 -12.46 14.28
C SER B 32 19.89 -12.91 13.36
N LEU B 33 20.19 -13.37 12.14
CA LEU B 33 19.13 -13.90 11.25
C LEU B 33 19.00 -15.41 11.49
N LYS B 34 17.77 -15.91 11.56
CA LYS B 34 17.45 -17.36 11.53
C LYS B 34 16.65 -17.59 10.25
N PHE B 35 17.24 -18.32 9.33
CA PHE B 35 16.64 -18.61 8.01
C PHE B 35 15.52 -19.63 8.20
N ILE B 36 14.33 -19.30 7.70
CA ILE B 36 13.15 -20.18 7.84
C ILE B 36 12.86 -20.87 6.50
N ASN B 37 13.12 -20.19 5.38
CA ASN B 37 12.68 -20.75 4.09
C ASN B 37 13.43 -20.04 2.98
N ILE B 38 13.71 -20.80 1.92
CA ILE B 38 14.24 -20.22 0.65
C ILE B 38 13.22 -20.58 -0.42
N LEU B 39 12.67 -19.57 -1.07
CA LEU B 39 11.39 -19.68 -1.81
C LEU B 39 11.67 -19.78 -3.32
N GLU B 40 12.49 -18.89 -3.84
CA GLU B 40 12.70 -18.68 -5.30
C GLU B 40 14.15 -18.30 -5.44
N VAL B 41 14.80 -19.01 -6.34
CA VAL B 41 16.24 -18.91 -6.63
C VAL B 41 16.30 -18.80 -8.14
N ASN B 42 17.05 -17.85 -8.66
CA ASN B 42 17.21 -17.67 -10.11
C ASN B 42 18.71 -17.59 -10.38
N GLU B 43 19.26 -18.66 -10.96
CA GLU B 43 20.73 -18.80 -11.12
C GLU B 43 21.19 -17.89 -12.26
N ILE B 44 20.28 -17.51 -13.17
CA ILE B 44 20.60 -16.60 -14.32
C ILE B 44 20.70 -15.14 -13.85
N THR B 45 19.71 -14.65 -13.08
CA THR B 45 19.63 -13.25 -12.58
C THR B 45 20.36 -13.10 -11.24
N ASN B 46 20.79 -14.19 -10.60
CA ASN B 46 21.46 -14.12 -9.27
C ASN B 46 20.54 -13.40 -8.26
N GLU B 47 19.32 -13.91 -8.09
CA GLU B 47 18.30 -13.37 -7.18
C GLU B 47 17.77 -14.53 -6.34
N VAL B 48 17.61 -14.27 -5.05
CA VAL B 48 16.96 -15.22 -4.11
C VAL B 48 15.88 -14.48 -3.34
N ASP B 49 14.83 -15.20 -3.02
CA ASP B 49 13.69 -14.78 -2.17
C ASP B 49 13.80 -15.61 -0.90
N VAL B 50 14.00 -14.99 0.26
CA VAL B 50 14.15 -15.76 1.53
C VAL B 50 13.17 -15.23 2.59
N VAL B 51 12.87 -16.09 3.56
CA VAL B 51 12.14 -15.76 4.79
C VAL B 51 13.10 -16.00 5.94
N PHE B 52 13.25 -14.98 6.81
CA PHE B 52 14.12 -15.10 8.01
C PHE B 52 13.53 -14.29 9.18
N TRP B 53 13.82 -14.79 10.37
CA TRP B 53 13.56 -14.08 11.64
C TRP B 53 14.77 -13.21 11.91
N GLN B 54 14.59 -11.89 12.01
CA GLN B 54 15.73 -10.98 12.29
C GLN B 54 15.69 -10.63 13.76
N ARG B 55 16.34 -11.43 14.61
CA ARG B 55 16.42 -11.16 16.05
C ARG B 55 17.25 -9.91 16.25
N THR B 56 16.63 -8.90 16.83
CA THR B 56 17.21 -7.56 16.98
C THR B 56 17.05 -7.18 18.44
N THR B 57 18.14 -6.87 19.12
CA THR B 57 18.10 -6.42 20.54
C THR B 57 18.98 -5.19 20.70
N TRP B 58 18.62 -4.39 21.68
CA TRP B 58 19.37 -3.18 22.09
C TRP B 58 18.83 -2.74 23.45
N SER B 59 19.48 -1.73 23.99
CA SER B 59 19.15 -1.17 25.34
CA SER B 59 19.16 -1.17 25.34
C SER B 59 18.64 0.27 25.16
N ASP B 60 17.53 0.61 25.80
CA ASP B 60 17.05 1.99 25.95
C ASP B 60 16.76 2.22 27.44
N ARG B 61 17.74 2.70 28.18
CA ARG B 61 17.67 2.82 29.66
C ARG B 61 16.59 3.84 30.07
N THR B 62 16.19 4.77 29.18
CA THR B 62 15.08 5.73 29.49
C THR B 62 13.73 4.99 29.69
N LEU B 63 13.57 3.77 29.16
CA LEU B 63 12.30 2.98 29.23
C LEU B 63 12.18 2.20 30.54
N ALA B 64 13.26 2.14 31.32
CA ALA B 64 13.36 1.21 32.46
C ALA B 64 12.32 1.61 33.53
N TRP B 65 11.83 0.64 34.29
CA TRP B 65 10.89 0.85 35.41
C TRP B 65 11.22 -0.16 36.55
N ASP B 66 10.68 0.08 37.75
CA ASP B 66 10.86 -0.84 38.89
C ASP B 66 9.85 -1.98 38.76
N SER B 67 10.31 -3.23 38.68
CA SER B 67 9.44 -4.43 38.48
C SER B 67 9.51 -5.39 39.67
N SER B 68 9.90 -4.92 40.85
CA SER B 68 9.84 -5.73 42.09
C SER B 68 8.39 -6.15 42.36
N HIS B 69 7.42 -5.25 42.18
CA HIS B 69 5.96 -5.49 42.41
C HIS B 69 5.16 -5.19 41.13
N SER B 70 5.66 -5.57 39.95
CA SER B 70 4.92 -5.39 38.66
C SER B 70 5.52 -6.27 37.57
N PRO B 71 4.87 -6.38 36.38
CA PRO B 71 5.38 -7.19 35.28
C PRO B 71 6.76 -6.72 34.84
N ASP B 72 7.68 -7.63 34.53
CA ASP B 72 9.05 -7.23 34.15
C ASP B 72 9.16 -7.11 32.63
N GLN B 73 8.11 -7.41 31.87
CA GLN B 73 8.15 -7.36 30.38
C GLN B 73 6.78 -7.00 29.80
N VAL B 74 6.77 -6.18 28.76
CA VAL B 74 5.51 -5.90 28.01
C VAL B 74 5.79 -5.97 26.50
N SER B 75 4.70 -6.18 25.75
CA SER B 75 4.66 -6.02 24.29
C SER B 75 4.30 -4.57 23.95
N VAL B 76 5.08 -3.94 23.08
CA VAL B 76 4.91 -2.51 22.71
C VAL B 76 4.93 -2.43 21.19
N PRO B 77 3.97 -1.72 20.57
CA PRO B 77 4.03 -1.50 19.13
C PRO B 77 5.31 -0.74 18.79
N ILE B 78 5.97 -1.10 17.69
CA ILE B 78 7.29 -0.50 17.39
C ILE B 78 7.14 0.99 17.05
N SER B 79 5.97 1.42 16.63
CA SER B 79 5.69 2.85 16.35
C SER B 79 5.82 3.68 17.64
N SER B 80 5.76 3.06 18.82
CA SER B 80 5.89 3.76 20.13
C SER B 80 7.34 3.78 20.59
N LEU B 81 8.27 3.10 19.93
CA LEU B 81 9.66 3.19 20.43
C LEU B 81 10.65 3.49 19.33
N TRP B 82 11.85 3.90 19.73
CA TRP B 82 12.94 4.03 18.77
C TRP B 82 13.30 2.62 18.32
N VAL B 83 13.55 2.47 17.03
CA VAL B 83 13.97 1.19 16.43
C VAL B 83 15.16 1.49 15.53
N PRO B 84 16.21 0.63 15.54
CA PRO B 84 17.34 0.81 14.62
C PRO B 84 16.87 0.84 13.16
N ASP B 85 17.43 1.74 12.35
CA ASP B 85 17.11 1.91 10.90
C ASP B 85 17.97 0.93 10.08
N LEU B 86 17.93 -0.36 10.42
CA LEU B 86 18.69 -1.43 9.72
C LEU B 86 18.21 -1.56 8.28
N ALA B 87 19.12 -1.82 7.36
CA ALA B 87 18.79 -2.10 5.94
C ALA B 87 19.78 -3.10 5.39
N ALA B 88 19.33 -3.89 4.45
CA ALA B 88 20.21 -4.84 3.76
C ALA B 88 20.71 -4.10 2.53
N TYR B 89 22.02 -3.96 2.36
CA TYR B 89 22.67 -3.18 1.28
C TYR B 89 22.41 -3.86 -0.08
N ASN B 90 22.24 -5.18 -0.16
CA ASN B 90 22.05 -5.86 -1.47
C ASN B 90 20.59 -6.30 -1.62
N ALA B 91 19.66 -5.76 -0.84
CA ALA B 91 18.23 -6.01 -1.00
C ALA B 91 17.79 -5.39 -2.33
N ILE B 92 16.90 -6.08 -3.05
CA ILE B 92 16.29 -5.50 -4.27
C ILE B 92 14.78 -5.44 -4.11
N SER B 93 14.25 -5.75 -2.93
CA SER B 93 12.85 -5.45 -2.57
C SER B 93 12.82 -4.84 -1.17
N LYS B 94 11.75 -4.12 -0.85
CA LYS B 94 11.37 -3.70 0.52
C LYS B 94 11.27 -4.94 1.40
N PRO B 95 11.68 -4.89 2.67
CA PRO B 95 11.42 -5.99 3.59
C PRO B 95 9.91 -6.10 3.82
N GLU B 96 9.33 -7.26 3.62
CA GLU B 96 7.90 -7.53 3.88
C GLU B 96 7.87 -8.20 5.27
N VAL B 97 7.44 -7.46 6.27
CA VAL B 97 7.26 -7.96 7.65
C VAL B 97 5.99 -8.80 7.69
N LEU B 98 6.12 -10.07 8.01
CA LEU B 98 5.00 -11.04 7.98
C LEU B 98 4.30 -11.04 9.33
N THR B 99 4.90 -10.50 10.38
CA THR B 99 4.47 -10.72 11.79
C THR B 99 3.96 -9.43 12.40
N PRO B 100 3.20 -9.50 13.50
CA PRO B 100 2.81 -8.30 14.24
C PRO B 100 4.04 -7.48 14.65
N GLN B 101 3.97 -6.17 14.43
CA GLN B 101 5.05 -5.19 14.60
C GLN B 101 5.08 -4.76 16.07
N LEU B 102 5.40 -5.71 16.94
CA LEU B 102 5.44 -5.57 18.42
C LEU B 102 6.86 -5.91 18.82
N ALA B 103 7.43 -5.12 19.72
CA ALA B 103 8.70 -5.40 20.40
C ALA B 103 8.38 -5.83 21.82
N ARG B 104 9.34 -6.48 22.47
CA ARG B 104 9.29 -6.77 23.92
C ARG B 104 10.21 -5.78 24.64
N VAL B 105 9.67 -5.14 25.67
CA VAL B 105 10.47 -4.22 26.49
C VAL B 105 10.55 -4.83 27.88
N VAL B 106 11.79 -5.00 28.35
CA VAL B 106 12.13 -5.57 29.68
C VAL B 106 12.34 -4.38 30.63
N SER B 107 12.06 -4.57 31.92
CA SER B 107 12.06 -3.48 32.93
C SER B 107 13.47 -2.86 33.09
N ASP B 108 14.54 -3.57 32.71
CA ASP B 108 15.92 -3.03 32.74
C ASP B 108 16.17 -2.14 31.51
N GLY B 109 15.19 -1.99 30.60
CA GLY B 109 15.34 -1.19 29.36
C GLY B 109 15.82 -1.99 28.16
N GLU B 110 15.92 -3.32 28.24
CA GLU B 110 16.29 -4.14 27.06
C GLU B 110 15.08 -4.19 26.11
N VAL B 111 15.34 -3.99 24.82
CA VAL B 111 14.28 -4.09 23.79
C VAL B 111 14.64 -5.23 22.85
N LEU B 112 13.67 -6.10 22.59
CA LEU B 112 13.83 -7.23 21.65
C LEU B 112 12.76 -7.11 20.55
N TYR B 113 13.17 -7.15 19.27
CA TYR B 113 12.26 -7.08 18.10
C TYR B 113 12.61 -8.25 17.17
N VAL B 114 11.65 -9.09 16.84
CA VAL B 114 11.91 -10.30 16.00
C VAL B 114 10.86 -10.37 14.90
N PRO B 115 10.98 -9.52 13.88
CA PRO B 115 10.13 -9.64 12.73
C PRO B 115 10.54 -10.84 11.87
N SER B 116 9.53 -11.52 11.34
CA SER B 116 9.68 -12.46 10.23
C SER B 116 9.59 -11.65 8.95
N ILE B 117 10.66 -11.72 8.16
CA ILE B 117 10.84 -10.92 6.93
C ILE B 117 10.95 -11.82 5.71
N ARG B 118 10.22 -11.48 4.68
CA ARG B 118 10.38 -11.98 3.32
C ARG B 118 11.03 -10.90 2.49
N GLN B 119 12.12 -11.19 1.83
CA GLN B 119 12.88 -10.17 1.08
C GLN B 119 13.68 -10.83 -0.01
N ARG B 120 13.88 -10.09 -1.09
CA ARG B 120 14.62 -10.55 -2.28
C ARG B 120 16.01 -9.89 -2.26
N PHE B 121 17.04 -10.67 -2.54
CA PHE B 121 18.44 -10.22 -2.57
C PHE B 121 19.10 -10.53 -3.91
N SER B 122 20.02 -9.65 -4.29
CA SER B 122 21.04 -9.83 -5.35
C SER B 122 22.27 -10.39 -4.67
N CYS B 123 22.62 -11.60 -5.02
CA CYS B 123 23.77 -12.31 -4.40
C CYS B 123 24.14 -13.53 -5.26
N ASP B 124 25.25 -14.18 -4.93
CA ASP B 124 25.84 -15.25 -5.79
C ASP B 124 25.01 -16.54 -5.62
N VAL B 125 24.26 -16.89 -6.65
CA VAL B 125 23.40 -18.09 -6.68
C VAL B 125 24.12 -19.21 -7.46
N SER B 126 25.27 -18.92 -8.08
CA SER B 126 26.00 -19.95 -8.86
C SER B 126 26.41 -21.08 -7.89
N GLY B 127 26.17 -22.32 -8.32
CA GLY B 127 26.55 -23.48 -7.51
C GLY B 127 25.42 -24.03 -6.68
N VAL B 128 24.24 -23.45 -6.74
CA VAL B 128 23.09 -23.90 -5.90
C VAL B 128 22.74 -25.38 -6.23
N ASP B 129 22.86 -25.78 -7.50
CA ASP B 129 22.68 -27.18 -7.99
C ASP B 129 24.08 -27.81 -8.18
N THR B 130 24.88 -27.68 -7.14
CA THR B 130 26.12 -28.46 -6.89
C THR B 130 26.14 -28.94 -5.44
N GLU B 131 27.13 -29.77 -5.12
CA GLU B 131 27.31 -30.40 -3.79
C GLU B 131 27.81 -29.31 -2.84
N SER B 132 28.64 -28.41 -3.30
CA SER B 132 29.25 -27.35 -2.45
C SER B 132 28.21 -26.26 -2.21
N GLY B 133 27.26 -26.11 -3.13
CA GLY B 133 26.13 -25.19 -2.97
C GLY B 133 26.52 -23.77 -3.34
N ALA B 134 25.60 -22.84 -3.13
CA ALA B 134 25.81 -21.40 -3.39
C ALA B 134 26.09 -20.76 -2.04
N THR B 135 26.81 -19.66 -2.08
CA THR B 135 27.00 -18.77 -0.90
C THR B 135 26.39 -17.42 -1.27
N CYS B 136 25.26 -17.11 -0.65
CA CYS B 136 24.58 -15.80 -0.74
C CYS B 136 25.01 -14.94 0.47
N ARG B 137 25.64 -13.80 0.21
CA ARG B 137 26.08 -12.85 1.28
C ARG B 137 25.04 -11.73 1.41
N ILE B 138 24.49 -11.56 2.61
CA ILE B 138 23.53 -10.46 2.96
C ILE B 138 24.22 -9.51 3.94
N LYS B 139 24.41 -8.25 3.53
CA LYS B 139 25.02 -7.17 4.35
C LYS B 139 23.91 -6.37 5.03
N ILE B 140 23.82 -6.40 6.35
CA ILE B 140 22.82 -5.59 7.09
C ILE B 140 23.52 -4.64 8.04
N GLY B 141 23.13 -3.34 7.99
CA GLY B 141 23.61 -2.30 8.92
C GLY B 141 22.64 -1.14 9.00
N SER B 142 22.95 -0.18 9.87
CA SER B 142 22.24 1.10 9.95
C SER B 142 22.43 1.85 8.63
N TRP B 143 21.36 2.38 8.06
CA TRP B 143 21.42 3.19 6.84
C TRP B 143 22.00 4.58 7.15
N THR B 144 21.67 5.18 8.30
CA THR B 144 21.99 6.62 8.54
C THR B 144 22.84 6.88 9.79
N HIS B 145 23.11 5.87 10.62
CA HIS B 145 23.87 6.05 11.87
C HIS B 145 25.24 5.44 11.73
N HIS B 146 26.30 6.26 11.74
CA HIS B 146 27.71 5.79 11.75
C HIS B 146 28.06 5.12 13.09
N SER B 147 29.25 4.59 13.18
CA SER B 147 29.75 3.69 14.26
C SER B 147 29.82 4.41 15.63
N ARG B 148 29.87 5.74 15.68
CA ARG B 148 29.84 6.47 16.98
C ARG B 148 28.39 6.56 17.47
N GLU B 149 27.39 6.24 16.63
CA GLU B 149 25.95 6.31 17.01
C GLU B 149 25.38 4.89 17.13
N ILE B 150 25.73 3.98 16.25
CA ILE B 150 25.22 2.58 16.32
C ILE B 150 26.39 1.63 16.04
N SER B 151 26.58 0.63 16.88
CA SER B 151 27.46 -0.51 16.63
C SER B 151 26.58 -1.75 16.42
N VAL B 152 26.97 -2.58 15.46
CA VAL B 152 26.21 -3.80 15.09
C VAL B 152 27.05 -5.00 15.48
N ASP B 153 26.49 -5.87 16.33
CA ASP B 153 27.14 -7.09 16.89
C ASP B 153 26.36 -8.32 16.43
N PRO B 154 26.96 -9.32 15.75
CA PRO B 154 26.29 -10.60 15.56
C PRO B 154 26.32 -11.51 16.80
N THR B 155 25.62 -12.66 16.79
CA THR B 155 25.55 -13.65 17.91
C THR B 155 25.86 -15.06 17.37
N GLU B 163 18.16 -24.95 12.29
CA GLU B 163 17.39 -25.29 13.53
C GLU B 163 15.88 -24.99 13.32
N TYR B 164 15.52 -23.89 12.68
CA TYR B 164 14.13 -23.46 12.45
C TYR B 164 13.85 -23.44 10.94
N PHE B 165 14.74 -23.96 10.12
CA PHE B 165 14.59 -23.98 8.63
C PHE B 165 13.52 -25.01 8.28
N SER B 166 12.59 -24.66 7.39
CA SER B 166 11.45 -25.55 7.05
C SER B 166 12.02 -26.85 6.46
N GLN B 167 11.58 -27.99 6.97
CA GLN B 167 11.96 -29.31 6.40
C GLN B 167 11.33 -29.49 5.01
N TYR B 168 10.42 -28.61 4.57
CA TYR B 168 9.64 -28.81 3.33
C TYR B 168 10.18 -27.99 2.18
N SER B 169 11.11 -27.09 2.42
CA SER B 169 11.93 -26.41 1.37
C SER B 169 12.59 -27.45 0.43
N ARG B 170 12.73 -27.12 -0.84
CA ARG B 170 13.48 -27.95 -1.80
C ARG B 170 14.98 -27.64 -1.61
N PHE B 171 15.36 -26.69 -0.76
CA PHE B 171 16.77 -26.38 -0.43
C PHE B 171 17.07 -26.88 0.98
N GLU B 172 18.35 -27.06 1.26
CA GLU B 172 18.87 -27.39 2.61
C GLU B 172 20.05 -26.46 2.91
N ILE B 173 20.23 -26.15 4.18
CA ILE B 173 21.29 -25.20 4.61
C ILE B 173 22.51 -26.02 5.02
N LEU B 174 23.67 -25.69 4.44
CA LEU B 174 24.97 -26.34 4.76
C LEU B 174 25.61 -25.54 5.90
N ASP B 175 25.59 -24.21 5.84
CA ASP B 175 26.31 -23.34 6.81
C ASP B 175 25.73 -21.92 6.77
N VAL B 176 25.60 -21.32 7.95
CA VAL B 176 25.38 -19.85 8.09
C VAL B 176 26.51 -19.26 8.94
N THR B 177 27.27 -18.31 8.39
CA THR B 177 28.34 -17.58 9.14
C THR B 177 27.94 -16.10 9.24
N GLN B 178 28.09 -15.49 10.42
CA GLN B 178 27.69 -14.08 10.69
C GLN B 178 28.94 -13.34 11.17
N LYS B 179 29.53 -12.47 10.34
CA LYS B 179 30.81 -11.75 10.62
C LYS B 179 30.60 -10.21 10.62
N LYS B 180 31.18 -9.53 11.59
CA LYS B 180 31.20 -8.05 11.69
C LYS B 180 32.07 -7.46 10.58
N ASN B 181 31.71 -6.29 10.08
CA ASN B 181 32.40 -5.55 8.99
C ASN B 181 32.07 -4.06 9.13
N SER B 182 32.73 -3.22 8.34
CA SER B 182 32.71 -1.74 8.45
C SER B 182 32.88 -1.11 7.08
N VAL B 183 32.09 -0.11 6.72
CA VAL B 183 32.17 0.56 5.40
C VAL B 183 32.40 2.05 5.64
N THR B 184 33.08 2.72 4.72
CA THR B 184 33.42 4.16 4.75
C THR B 184 33.31 4.72 3.32
N TYR B 185 32.89 5.97 3.14
CA TYR B 185 32.58 6.58 1.82
C TYR B 185 33.51 7.77 1.58
N SER B 186 33.87 7.96 0.30
CA SER B 186 34.85 8.97 -0.19
C SER B 186 34.56 10.33 0.45
N CYS B 187 33.29 10.76 0.54
CA CYS B 187 32.84 12.07 1.09
C CYS B 187 33.44 12.36 2.48
N CYS B 188 33.35 11.41 3.42
CA CYS B 188 33.25 11.69 4.88
C CYS B 188 34.14 10.72 5.65
N PRO B 189 34.51 11.08 6.91
CA PRO B 189 35.33 10.22 7.76
C PRO B 189 34.53 9.12 8.46
N GLU B 190 33.19 9.23 8.42
CA GLU B 190 32.25 8.38 9.19
C GLU B 190 32.38 6.94 8.69
N ALA B 191 32.43 5.98 9.62
CA ALA B 191 32.37 4.54 9.30
C ALA B 191 30.99 3.95 9.69
N TYR B 192 30.41 3.08 8.85
CA TYR B 192 29.10 2.39 9.07
C TYR B 192 29.37 0.91 9.36
N GLU B 193 28.95 0.43 10.51
CA GLU B 193 29.10 -1.00 10.89
C GLU B 193 28.01 -1.81 10.18
N ASP B 194 28.34 -3.03 9.77
CA ASP B 194 27.34 -3.99 9.23
C ASP B 194 27.67 -5.40 9.73
N VAL B 195 26.69 -6.29 9.64
CA VAL B 195 26.89 -7.77 9.69
C VAL B 195 26.81 -8.33 8.27
N GLU B 196 27.79 -9.12 7.90
CA GLU B 196 27.80 -9.93 6.65
C GLU B 196 27.34 -11.34 7.02
N VAL B 197 26.16 -11.73 6.53
CA VAL B 197 25.60 -13.07 6.81
C VAL B 197 25.82 -13.91 5.56
N SER B 198 26.52 -15.01 5.70
CA SER B 198 26.88 -15.91 4.57
C SER B 198 25.99 -17.14 4.66
N LEU B 199 25.01 -17.24 3.77
CA LEU B 199 24.10 -18.40 3.68
C LEU B 199 24.63 -19.36 2.60
N ASN B 200 25.22 -20.47 3.04
CA ASN B 200 25.68 -21.56 2.14
C ASN B 200 24.55 -22.60 2.08
N PHE B 201 23.95 -22.76 0.91
CA PHE B 201 22.76 -23.65 0.74
C PHE B 201 22.79 -24.33 -0.62
N ARG B 202 21.99 -25.38 -0.78
CA ARG B 202 21.92 -26.11 -2.07
C ARG B 202 20.60 -26.84 -2.24
N LYS B 203 20.27 -27.19 -3.49
CA LYS B 203 19.08 -28.01 -3.80
C LYS B 203 19.25 -29.41 -3.17
N LYS B 204 18.19 -29.95 -2.64
CA LYS B 204 18.17 -31.28 -2.00
C LYS B 204 17.99 -32.31 -3.12
N GLY B 205 18.56 -33.49 -2.89
CA GLY B 205 18.22 -34.66 -3.69
C GLY B 205 19.02 -34.75 -4.98
N ARG B 206 20.19 -34.12 -5.07
CA ARG B 206 21.07 -34.29 -6.26
C ARG B 206 21.62 -35.73 -6.28
N SER B 207 21.92 -36.31 -7.45
CA SER B 207 22.56 -37.66 -7.60
C SER B 207 24.06 -37.69 -7.26
N ALA C 1 22.84 21.14 24.91
CA ALA C 1 21.79 20.50 24.07
C ALA C 1 22.18 19.06 23.67
N ASP C 2 21.29 18.10 23.91
CA ASP C 2 21.45 16.66 23.58
C ASP C 2 20.67 16.33 22.29
N ARG C 3 20.70 15.08 21.85
CA ARG C 3 20.10 14.73 20.54
C ARG C 3 18.62 15.09 20.57
N ALA C 4 17.93 14.79 21.69
CA ALA C 4 16.48 14.99 21.84
C ALA C 4 16.14 16.48 21.66
N ASP C 5 16.93 17.36 22.25
CA ASP C 5 16.76 18.83 22.11
C ASP C 5 16.93 19.23 20.64
N ILE C 6 17.97 18.77 19.94
CA ILE C 6 18.16 19.15 18.51
C ILE C 6 16.96 18.66 17.72
N LEU C 7 16.44 17.46 18.00
CA LEU C 7 15.37 16.89 17.18
C LEU C 7 14.06 17.61 17.44
N TYR C 8 13.75 17.86 18.71
CA TYR C 8 12.61 18.71 19.11
C TYR C 8 12.68 20.07 18.38
N ASN C 9 13.84 20.71 18.38
CA ASN C 9 14.00 22.01 17.69
C ASN C 9 13.73 21.88 16.19
N ILE C 10 14.31 20.87 15.54
CA ILE C 10 14.09 20.65 14.08
C ILE C 10 12.60 20.43 13.85
N ARG C 11 11.94 19.60 14.65
CA ARG C 11 10.49 19.33 14.42
C ARG C 11 9.69 20.63 14.59
N GLN C 12 10.02 21.49 15.55
CA GLN C 12 9.20 22.69 15.79
C GLN C 12 9.56 23.79 14.77
N THR C 13 10.69 23.78 14.08
CA THR C 13 11.16 24.83 13.14
C THR C 13 10.93 24.40 11.68
N SER C 14 10.89 23.10 11.37
CA SER C 14 10.82 22.57 9.99
C SER C 14 9.48 22.95 9.32
N ARG C 15 9.54 23.41 8.08
CA ARG C 15 8.35 23.69 7.24
C ARG C 15 8.34 22.75 6.04
N PRO C 16 7.79 21.53 6.18
CA PRO C 16 7.96 20.51 5.16
C PRO C 16 7.44 20.95 3.78
N ASP C 17 6.53 21.89 3.72
CA ASP C 17 5.80 22.23 2.47
C ASP C 17 6.39 23.52 1.90
N VAL C 18 7.41 24.11 2.51
CA VAL C 18 7.95 25.45 2.15
C VAL C 18 9.39 25.27 1.68
N ILE C 19 9.64 25.62 0.43
CA ILE C 19 11.00 25.50 -0.11
C ILE C 19 11.87 26.48 0.67
N PRO C 20 13.02 26.06 1.20
CA PRO C 20 13.84 26.96 2.04
C PRO C 20 14.77 27.90 1.26
N THR C 21 14.21 28.78 0.42
CA THR C 21 14.98 29.78 -0.36
C THR C 21 15.54 30.80 0.61
N GLN C 22 16.83 31.10 0.46
CA GLN C 22 17.58 32.14 1.22
C GLN C 22 17.60 33.43 0.38
N ASP C 24 16.48 35.87 -2.33
CA ASP C 24 15.63 35.49 -3.48
C ASP C 24 16.29 34.38 -4.32
N ARG C 25 17.28 33.66 -3.75
CA ARG C 25 18.07 32.64 -4.48
C ARG C 25 17.27 31.33 -4.63
N PRO C 26 17.47 30.58 -5.73
CA PRO C 26 17.03 29.18 -5.77
C PRO C 26 17.73 28.33 -4.71
N VAL C 27 17.06 27.28 -4.23
CA VAL C 27 17.70 26.20 -3.45
C VAL C 27 18.53 25.35 -4.40
N ALA C 28 19.84 25.27 -4.11
CA ALA C 28 20.82 24.46 -4.86
C ALA C 28 20.70 23.01 -4.36
N VAL C 29 20.15 22.14 -5.20
CA VAL C 29 20.00 20.70 -4.90
C VAL C 29 21.07 19.96 -5.68
N SER C 30 21.90 19.22 -4.97
CA SER C 30 22.91 18.32 -5.56
C SER C 30 22.30 16.91 -5.69
N VAL C 31 22.42 16.30 -6.86
CA VAL C 31 21.89 14.96 -7.19
C VAL C 31 22.96 14.15 -7.90
N SER C 32 23.24 12.97 -7.37
CA SER C 32 24.26 12.03 -7.87
C SER C 32 23.65 10.62 -7.77
N LEU C 33 23.43 9.93 -8.89
CA LEU C 33 22.99 8.51 -8.83
C LEU C 33 24.20 7.59 -8.77
N LYS C 34 24.18 6.59 -7.88
CA LYS C 34 25.18 5.50 -7.86
C LYS C 34 24.41 4.22 -8.18
N PHE C 35 24.68 3.62 -9.33
CA PHE C 35 24.00 2.39 -9.80
C PHE C 35 24.50 1.22 -8.99
N ILE C 36 23.55 0.48 -8.43
CA ILE C 36 23.85 -0.72 -7.61
C ILE C 36 23.53 -1.97 -8.40
N ASN C 37 22.53 -1.94 -9.26
CA ASN C 37 22.09 -3.18 -9.92
C ASN C 37 21.30 -2.84 -11.16
N ILE C 38 21.45 -3.69 -12.17
CA ILE C 38 20.55 -3.71 -13.35
C ILE C 38 19.90 -5.10 -13.35
N LEU C 39 18.58 -5.14 -13.17
CA LEU C 39 17.83 -6.35 -12.79
C LEU C 39 17.18 -7.00 -13.99
N GLU C 40 16.55 -6.22 -14.85
CA GLU C 40 15.75 -6.69 -16.02
C GLU C 40 15.99 -5.66 -17.11
N VAL C 41 16.31 -6.16 -18.29
CA VAL C 41 16.50 -5.35 -19.51
C VAL C 41 15.66 -6.03 -20.57
N ASN C 42 14.92 -5.25 -21.36
CA ASN C 42 14.10 -5.78 -22.45
C ASN C 42 14.45 -4.98 -23.71
N GLU C 43 15.16 -5.60 -24.65
CA GLU C 43 15.66 -4.89 -25.85
C GLU C 43 14.51 -4.63 -26.82
N ILE C 44 13.42 -5.41 -26.73
CA ILE C 44 12.23 -5.26 -27.60
C ILE C 44 11.38 -4.07 -27.14
N THR C 45 11.08 -3.99 -25.83
CA THR C 45 10.22 -2.92 -25.24
C THR C 45 11.06 -1.70 -24.83
N ASN C 46 12.39 -1.78 -24.86
CA ASN C 46 13.26 -0.65 -24.43
C ASN C 46 12.92 -0.24 -22.98
N GLU C 47 12.98 -1.21 -22.06
CA GLU C 47 12.67 -1.02 -20.62
C GLU C 47 13.79 -1.63 -19.82
N VAL C 48 14.19 -0.93 -18.76
CA VAL C 48 15.20 -1.43 -17.79
C VAL C 48 14.61 -1.25 -16.39
N ASP C 49 14.99 -2.16 -15.50
CA ASP C 49 14.68 -2.13 -14.07
C ASP C 49 16.03 -1.92 -13.38
N VAL C 50 16.23 -0.82 -12.67
CA VAL C 50 17.53 -0.54 -12.01
C VAL C 50 17.34 -0.26 -10.52
N VAL C 51 18.40 -0.47 -9.77
CA VAL C 51 18.55 -0.04 -8.36
C VAL C 51 19.68 0.98 -8.34
N PHE C 52 19.41 2.14 -7.73
CA PHE C 52 20.44 3.20 -7.55
C PHE C 52 20.21 3.92 -6.22
N TRP C 53 21.31 4.37 -5.64
CA TRP C 53 21.35 5.30 -4.51
C TRP C 53 21.23 6.71 -5.08
N GLN C 54 20.23 7.47 -4.68
CA GLN C 54 20.06 8.85 -5.18
C GLN C 54 20.61 9.80 -4.13
N ARG C 55 21.91 10.10 -4.17
CA ARG C 55 22.52 11.02 -3.19
C ARG C 55 22.01 12.42 -3.45
N THR C 56 21.30 12.98 -2.48
CA THR C 56 20.55 14.25 -2.62
C THR C 56 20.98 15.14 -1.46
N THR C 57 21.50 16.32 -1.73
CA THR C 57 21.88 17.29 -0.69
C THR C 57 21.34 18.66 -1.04
N TRP C 58 21.11 19.43 0.00
CA TRP C 58 20.68 20.84 -0.08
C TRP C 58 20.90 21.46 1.29
N SER C 59 20.59 22.73 1.43
CA SER C 59 20.74 23.54 2.66
C SER C 59 19.36 24.03 3.10
N ASP C 60 19.04 23.93 4.37
CA ASP C 60 17.93 24.67 5.03
C ASP C 60 18.51 25.38 6.26
N ARG C 61 18.93 26.63 6.08
CA ARG C 61 19.67 27.38 7.13
C ARG C 61 18.81 27.58 8.39
N THR C 62 17.48 27.52 8.30
CA THR C 62 16.58 27.68 9.47
C THR C 62 16.77 26.52 10.46
N LEU C 63 17.27 25.36 10.02
CA LEU C 63 17.43 24.13 10.87
C LEU C 63 18.71 24.17 11.68
N ALA C 64 19.58 25.13 11.39
CA ALA C 64 20.94 25.20 11.95
C ALA C 64 20.88 25.36 13.47
N TRP C 65 21.91 24.85 14.15
CA TRP C 65 22.10 24.98 15.61
C TRP C 65 23.59 25.13 15.93
N ASP C 66 23.90 25.58 17.15
CA ASP C 66 25.29 25.71 17.64
C ASP C 66 25.74 24.32 18.10
N SER C 67 26.81 23.77 17.54
CA SER C 67 27.30 22.40 17.83
C SER C 67 28.70 22.41 18.43
N SER C 68 29.13 23.54 19.00
CA SER C 68 30.41 23.60 19.78
C SER C 68 30.36 22.61 20.95
N HIS C 69 29.23 22.52 21.67
CA HIS C 69 29.04 21.62 22.84
C HIS C 69 27.86 20.65 22.62
N SER C 70 27.63 20.17 21.39
CA SER C 70 26.52 19.21 21.10
C SER C 70 26.77 18.48 19.79
N PRO C 71 26.00 17.42 19.48
CA PRO C 71 26.22 16.62 18.27
C PRO C 71 26.06 17.50 17.02
N ASP C 72 26.89 17.29 15.99
CA ASP C 72 26.84 18.19 14.81
C ASP C 72 25.92 17.58 13.73
N GLN C 73 25.35 16.40 13.94
CA GLN C 73 24.49 15.72 12.93
C GLN C 73 23.42 14.87 13.60
N VAL C 74 22.20 14.85 13.07
CA VAL C 74 21.16 13.89 13.54
C VAL C 74 20.44 13.26 12.34
N SER C 75 19.80 12.12 12.61
CA SER C 75 18.90 11.42 11.66
C SER C 75 17.47 11.92 11.91
N VAL C 76 16.77 12.32 10.84
CA VAL C 76 15.41 12.90 10.94
C VAL C 76 14.56 12.20 9.88
N PRO C 77 13.33 11.77 10.21
CA PRO C 77 12.45 11.22 9.19
C PRO C 77 12.16 12.29 8.13
N ILE C 78 12.15 11.92 6.85
CA ILE C 78 11.95 12.93 5.78
C ILE C 78 10.53 13.48 5.87
N SER C 79 9.58 12.76 6.48
CA SER C 79 8.20 13.29 6.63
C SER C 79 8.21 14.56 7.51
N SER C 80 9.27 14.81 8.30
CA SER C 80 9.43 16.04 9.13
C SER C 80 10.11 17.17 8.35
N LEU C 81 10.62 16.94 7.13
CA LEU C 81 11.53 17.94 6.47
C LEU C 81 10.96 18.35 5.13
N TRP C 82 11.33 19.52 4.63
CA TRP C 82 11.12 19.81 3.20
C TRP C 82 12.05 18.91 2.42
N VAL C 83 11.58 18.36 1.33
CA VAL C 83 12.38 17.48 0.43
C VAL C 83 12.14 17.95 -0.98
N PRO C 84 13.19 18.03 -1.82
CA PRO C 84 13.00 18.36 -3.23
C PRO C 84 12.04 17.38 -3.92
N ASP C 85 11.14 17.89 -4.76
CA ASP C 85 10.07 17.14 -5.47
C ASP C 85 10.65 16.60 -6.79
N LEU C 86 11.74 15.84 -6.70
CA LEU C 86 12.47 15.30 -7.90
C LEU C 86 11.62 14.21 -8.55
N ALA C 87 11.62 14.15 -9.87
CA ALA C 87 11.05 13.02 -10.62
C ALA C 87 11.90 12.70 -11.84
N ALA C 88 11.86 11.45 -12.25
CA ALA C 88 12.58 11.02 -13.46
C ALA C 88 11.55 11.12 -14.57
N TYR C 89 11.81 11.90 -15.61
CA TYR C 89 10.86 12.18 -16.72
C TYR C 89 10.53 10.91 -17.51
N ASN C 90 11.44 9.95 -17.61
CA ASN C 90 11.20 8.72 -18.42
C ASN C 90 11.00 7.51 -17.49
N ALA C 91 10.70 7.71 -16.21
CA ALA C 91 10.25 6.60 -15.32
C ALA C 91 8.91 6.05 -15.83
N ILE C 92 8.72 4.75 -15.75
CA ILE C 92 7.42 4.10 -16.09
C ILE C 92 6.92 3.30 -14.88
N SER C 93 7.59 3.37 -13.73
CA SER C 93 7.04 2.90 -12.44
C SER C 93 7.30 3.97 -11.37
N LYS C 94 6.52 3.96 -10.30
CA LYS C 94 6.78 4.67 -9.03
C LYS C 94 8.18 4.31 -8.56
N PRO C 95 8.94 5.27 -7.97
CA PRO C 95 10.18 4.91 -7.29
C PRO C 95 9.86 4.06 -6.06
N GLU C 96 10.44 2.89 -5.91
CA GLU C 96 10.25 2.00 -4.75
C GLU C 96 11.48 2.30 -3.86
N VAL C 97 11.29 3.02 -2.78
CA VAL C 97 12.37 3.33 -1.80
C VAL C 97 12.59 2.08 -0.95
N LEU C 98 13.78 1.49 -1.02
CA LEU C 98 14.10 0.21 -0.35
C LEU C 98 14.59 0.46 1.06
N THR C 99 14.96 1.69 1.40
CA THR C 99 15.72 2.00 2.63
C THR C 99 14.88 2.81 3.60
N PRO C 100 15.27 2.85 4.89
CA PRO C 100 14.64 3.76 5.86
C PRO C 100 14.60 5.20 5.35
N GLN C 101 13.44 5.84 5.47
CA GLN C 101 13.17 7.20 4.94
C GLN C 101 13.64 8.25 5.96
N LEU C 102 14.94 8.27 6.23
CA LEU C 102 15.65 9.14 7.17
C LEU C 102 16.63 9.96 6.38
N ALA C 103 16.70 11.24 6.69
CA ALA C 103 17.74 12.16 6.18
C ALA C 103 18.71 12.44 7.30
N ARG C 104 19.87 12.96 6.95
CA ARG C 104 20.85 13.48 7.94
C ARG C 104 20.78 15.01 7.89
N VAL C 105 20.69 15.62 9.05
CA VAL C 105 20.74 17.09 9.16
C VAL C 105 22.01 17.43 9.92
N VAL C 106 22.80 18.30 9.31
CA VAL C 106 24.09 18.82 9.85
C VAL C 106 23.81 20.18 10.52
N SER C 107 24.60 20.54 11.54
CA SER C 107 24.37 21.72 12.39
C SER C 107 24.44 23.02 11.57
N ASP C 108 25.10 23.05 10.42
CA ASP C 108 25.12 24.26 9.54
C ASP C 108 23.83 24.33 8.71
N GLY C 109 22.92 23.37 8.84
CA GLY C 109 21.64 23.32 8.07
C GLY C 109 21.72 22.50 6.79
N GLU C 110 22.82 21.80 6.55
CA GLU C 110 22.92 20.92 5.35
C GLU C 110 22.02 19.70 5.59
N VAL C 111 21.26 19.32 4.56
CA VAL C 111 20.42 18.10 4.62
C VAL C 111 20.92 17.13 3.56
N LEU C 112 21.11 15.88 3.96
CA LEU C 112 21.57 14.80 3.06
C LEU C 112 20.52 13.67 3.11
N TYR C 113 20.01 13.25 1.94
CA TYR C 113 19.04 12.14 1.80
C TYR C 113 19.59 11.17 0.74
N VAL C 114 19.73 9.90 1.08
CA VAL C 114 20.28 8.88 0.14
C VAL C 114 19.36 7.67 0.15
N PRO C 115 18.19 7.76 -0.49
CA PRO C 115 17.37 6.59 -0.68
C PRO C 115 17.94 5.64 -1.72
N SER C 116 17.83 4.36 -1.45
CA SER C 116 18.04 3.28 -2.44
C SER C 116 16.71 3.07 -3.15
N ILE C 117 16.72 3.28 -4.44
CA ILE C 117 15.50 3.29 -5.28
C ILE C 117 15.60 2.18 -6.34
N ARG C 118 14.54 1.38 -6.40
CA ARG C 118 14.28 0.47 -7.53
C ARG C 118 13.20 1.11 -8.39
N GLN C 119 13.44 1.23 -9.68
CA GLN C 119 12.53 1.92 -10.60
C GLN C 119 12.76 1.40 -12.02
N ARG C 120 11.71 1.44 -12.82
CA ARG C 120 11.70 0.99 -14.23
C ARG C 120 11.73 2.23 -15.12
N PHE C 121 12.55 2.24 -16.17
CA PHE C 121 12.66 3.35 -17.14
C PHE C 121 12.44 2.85 -18.57
N SER C 122 11.93 3.76 -19.38
CA SER C 122 11.83 3.71 -20.86
C SER C 122 13.06 4.45 -21.35
N CYS C 123 13.94 3.74 -22.01
CA CYS C 123 15.21 4.32 -22.50
C CYS C 123 15.83 3.38 -23.53
N ASP C 124 16.89 3.85 -24.20
CA ASP C 124 17.47 3.13 -25.37
C ASP C 124 18.28 1.91 -24.86
N VAL C 125 17.77 0.71 -25.11
CA VAL C 125 18.41 -0.57 -24.70
C VAL C 125 19.13 -1.19 -25.93
N SER C 126 19.03 -0.58 -27.12
CA SER C 126 19.69 -1.13 -28.32
C SER C 126 21.22 -1.17 -28.10
N GLY C 127 21.86 -2.28 -28.47
CA GLY C 127 23.32 -2.49 -28.38
C GLY C 127 23.75 -3.14 -27.07
N VAL C 128 22.80 -3.47 -26.19
CA VAL C 128 23.10 -4.04 -24.85
C VAL C 128 23.96 -5.29 -24.97
N ASP C 129 23.74 -6.13 -26.01
CA ASP C 129 24.43 -7.43 -26.21
C ASP C 129 25.66 -7.27 -27.08
N THR C 130 26.11 -6.02 -27.33
CA THR C 130 27.34 -5.70 -28.10
C THR C 130 28.45 -5.24 -27.15
N GLU C 131 29.63 -5.02 -27.71
CA GLU C 131 30.86 -4.60 -27.00
C GLU C 131 30.66 -3.15 -26.54
N SER C 132 30.05 -2.33 -27.40
CA SER C 132 29.89 -0.87 -27.16
C SER C 132 28.77 -0.66 -26.14
N GLY C 133 27.83 -1.61 -26.07
CA GLY C 133 26.78 -1.62 -25.05
C GLY C 133 25.64 -0.68 -25.41
N ALA C 134 24.69 -0.52 -24.51
CA ALA C 134 23.55 0.40 -24.63
C ALA C 134 23.84 1.65 -23.81
N THR C 135 23.21 2.77 -24.18
CA THR C 135 23.23 4.01 -23.39
C THR C 135 21.78 4.32 -23.01
N CYS C 136 21.46 4.12 -21.73
CA CYS C 136 20.14 4.46 -21.13
C CYS C 136 20.26 5.84 -20.46
N ARG C 137 19.48 6.81 -20.94
CA ARG C 137 19.47 8.19 -20.43
C ARG C 137 18.30 8.37 -19.47
N ILE C 138 18.59 8.77 -18.23
CA ILE C 138 17.62 9.07 -17.16
C ILE C 138 17.66 10.57 -16.86
N LYS C 139 16.55 11.28 -17.09
CA LYS C 139 16.40 12.74 -16.85
C LYS C 139 15.72 12.92 -15.50
N ILE C 140 16.40 13.50 -14.51
CA ILE C 140 15.82 13.78 -13.17
C ILE C 140 15.82 15.28 -12.91
N GLY C 141 14.66 15.84 -12.53
CA GLY C 141 14.47 17.24 -12.16
C GLY C 141 13.34 17.46 -11.19
N SER C 142 13.21 18.70 -10.71
CA SER C 142 12.05 19.14 -9.93
C SER C 142 10.83 19.09 -10.84
N TRP C 143 9.74 18.52 -10.37
CA TRP C 143 8.49 18.42 -11.16
C TRP C 143 7.81 19.79 -11.18
N THR C 144 7.84 20.56 -10.09
CA THR C 144 6.99 21.77 -9.98
C THR C 144 7.78 23.05 -9.74
N HIS C 145 9.08 22.99 -9.50
CA HIS C 145 9.89 24.21 -9.17
C HIS C 145 10.79 24.56 -10.33
N HIS C 146 10.55 25.69 -10.97
CA HIS C 146 11.43 26.22 -12.06
C HIS C 146 12.77 26.71 -11.47
N SER C 147 13.67 27.10 -12.35
CA SER C 147 15.11 27.35 -12.07
C SER C 147 15.34 28.51 -11.09
N ARG C 148 14.39 29.43 -10.93
CA ARG C 148 14.50 30.51 -9.92
C ARG C 148 14.18 29.97 -8.52
N GLU C 149 13.62 28.76 -8.41
CA GLU C 149 13.19 28.15 -7.10
C GLU C 149 14.11 26.98 -6.77
N ILE C 150 14.45 26.15 -7.75
CA ILE C 150 15.36 25.00 -7.51
C ILE C 150 16.35 24.92 -8.67
N SER C 151 17.64 24.82 -8.35
CA SER C 151 18.69 24.48 -9.33
C SER C 151 19.16 23.06 -8.99
N VAL C 152 19.39 22.25 -10.01
CA VAL C 152 19.84 20.85 -9.84
C VAL C 152 21.27 20.77 -10.37
N ASP C 153 22.22 20.35 -9.54
CA ASP C 153 23.67 20.30 -9.83
C ASP C 153 24.14 18.85 -9.70
N PRO C 154 24.75 18.21 -10.73
CA PRO C 154 25.43 16.93 -10.53
C PRO C 154 26.81 17.07 -9.86
N THR C 155 27.47 15.95 -9.53
CA THR C 155 28.82 15.91 -8.86
C THR C 155 29.74 14.97 -9.66
N SER C 162 30.94 2.66 -11.11
CA SER C 162 30.76 1.18 -10.92
C SER C 162 31.41 0.70 -9.60
N GLU C 163 31.85 1.61 -8.74
CA GLU C 163 32.44 1.32 -7.42
C GLU C 163 31.49 0.49 -6.53
N TYR C 164 30.18 0.73 -6.59
CA TYR C 164 29.18 0.06 -5.69
C TYR C 164 28.23 -0.84 -6.50
N PHE C 165 28.53 -1.06 -7.79
CA PHE C 165 27.70 -1.90 -8.68
C PHE C 165 27.89 -3.36 -8.31
N SER C 166 26.80 -4.12 -8.22
CA SER C 166 26.84 -5.54 -7.80
C SER C 166 27.68 -6.32 -8.82
N GLN C 167 28.64 -7.10 -8.34
CA GLN C 167 29.43 -8.02 -9.22
C GLN C 167 28.53 -9.18 -9.70
N TYR C 168 27.31 -9.34 -9.18
CA TYR C 168 26.46 -10.53 -9.44
C TYR C 168 25.37 -10.22 -10.47
N SER C 169 25.21 -8.97 -10.88
CA SER C 169 24.40 -8.57 -12.06
C SER C 169 24.88 -9.34 -13.32
N ARG C 170 23.97 -9.63 -14.24
CA ARG C 170 24.30 -10.16 -15.59
C ARG C 170 24.91 -9.07 -16.45
N PHE C 171 24.78 -7.81 -16.01
CA PHE C 171 25.27 -6.62 -16.76
C PHE C 171 26.50 -6.07 -16.04
N GLU C 172 27.28 -5.27 -16.76
CA GLU C 172 28.42 -4.51 -16.20
C GLU C 172 28.32 -3.09 -16.74
N ILE C 173 28.86 -2.14 -15.98
CA ILE C 173 28.83 -0.71 -16.37
C ILE C 173 30.14 -0.35 -17.06
N LEU C 174 30.04 0.26 -18.24
CA LEU C 174 31.19 0.78 -19.01
C LEU C 174 31.46 2.22 -18.59
N ASP C 175 30.42 3.04 -18.47
CA ASP C 175 30.56 4.50 -18.20
C ASP C 175 29.23 5.07 -17.67
N VAL C 176 29.32 5.96 -16.69
CA VAL C 176 28.20 6.82 -16.25
C VAL C 176 28.61 8.29 -16.41
N THR C 177 27.82 9.07 -17.14
CA THR C 177 27.98 10.51 -17.42
C THR C 177 26.82 11.27 -16.77
N GLN C 178 27.07 12.36 -16.03
CA GLN C 178 26.02 13.14 -15.33
C GLN C 178 26.11 14.60 -15.81
N LYS C 179 25.20 15.05 -16.68
CA LYS C 179 25.24 16.40 -17.34
C LYS C 179 24.01 17.24 -16.96
N LYS C 180 24.22 18.52 -16.59
CA LYS C 180 23.13 19.50 -16.35
C LYS C 180 22.42 19.81 -17.67
N ASN C 181 21.11 20.06 -17.61
CA ASN C 181 20.22 20.33 -18.78
C ASN C 181 19.03 21.16 -18.26
N SER C 182 18.21 21.64 -19.18
CA SER C 182 17.12 22.61 -18.90
C SER C 182 15.97 22.38 -19.88
N VAL C 183 14.72 22.34 -19.39
CA VAL C 183 13.53 22.14 -20.25
C VAL C 183 12.62 23.34 -20.05
N THR C 184 11.89 23.72 -21.09
CA THR C 184 10.99 24.90 -21.13
C THR C 184 9.75 24.52 -21.95
N TYR C 185 8.57 25.05 -21.62
CA TYR C 185 7.26 24.64 -22.20
C TYR C 185 6.67 25.81 -22.98
N SER C 186 5.97 25.48 -24.08
CA SER C 186 5.36 26.46 -25.03
C SER C 186 4.59 27.55 -24.25
N CYS C 187 3.82 27.18 -23.22
CA CYS C 187 2.96 28.09 -22.39
C CYS C 187 3.77 29.28 -21.84
N CYS C 188 4.92 29.00 -21.20
CA CYS C 188 5.46 29.83 -20.09
C CYS C 188 6.95 30.05 -20.27
N PRO C 189 7.49 31.15 -19.68
CA PRO C 189 8.92 31.48 -19.79
C PRO C 189 9.80 30.66 -18.83
N GLU C 190 9.16 29.97 -17.87
CA GLU C 190 9.82 29.22 -16.76
C GLU C 190 10.66 28.09 -17.38
N ALA C 191 11.90 27.94 -16.94
CA ALA C 191 12.78 26.80 -17.30
C ALA C 191 12.91 25.85 -16.09
N TYR C 192 12.89 24.53 -16.34
CA TYR C 192 13.04 23.46 -15.31
C TYR C 192 14.41 22.82 -15.49
N GLU C 193 15.23 22.84 -14.46
CA GLU C 193 16.59 22.25 -14.50
C GLU C 193 16.44 20.75 -14.28
N ASP C 194 17.27 19.97 -14.98
CA ASP C 194 17.35 18.52 -14.75
C ASP C 194 18.81 18.09 -14.81
N VAL C 195 19.09 16.91 -14.29
CA VAL C 195 20.33 16.13 -14.58
C VAL C 195 19.97 15.02 -15.55
N GLU C 196 20.72 14.91 -16.64
CA GLU C 196 20.68 13.76 -17.58
C GLU C 196 21.80 12.79 -17.17
N VAL C 197 21.43 11.61 -16.70
CA VAL C 197 22.37 10.55 -16.30
C VAL C 197 22.43 9.52 -17.43
N SER C 198 23.60 9.34 -18.01
CA SER C 198 23.82 8.44 -19.16
C SER C 198 24.52 7.19 -18.64
N LEU C 199 23.78 6.10 -18.55
CA LEU C 199 24.32 4.78 -18.14
C LEU C 199 24.66 3.97 -19.38
N ASN C 200 25.95 3.85 -19.67
CA ASN C 200 26.49 2.98 -20.75
C ASN C 200 26.82 1.63 -20.12
N PHE C 201 26.09 0.58 -20.51
CA PHE C 201 26.22 -0.75 -19.87
C PHE C 201 26.06 -1.85 -20.93
N ARG C 202 26.43 -3.08 -20.58
CA ARG C 202 26.26 -4.22 -21.51
C ARG C 202 26.16 -5.54 -20.75
N LYS C 203 25.63 -6.56 -21.45
CA LYS C 203 25.58 -7.94 -20.91
C LYS C 203 27.01 -8.45 -20.82
N LYS C 204 27.33 -9.24 -19.79
CA LYS C 204 28.71 -9.78 -19.62
C LYS C 204 28.99 -10.88 -20.63
N ALA D 1 5.30 39.72 1.42
CA ALA D 1 4.83 38.33 1.75
C ALA D 1 5.83 37.33 1.13
N ASP D 2 6.28 36.34 1.92
CA ASP D 2 7.21 35.26 1.48
C ASP D 2 6.38 34.00 1.20
N ARG D 3 7.07 32.94 0.78
CA ARG D 3 6.39 31.71 0.32
C ARG D 3 5.51 31.19 1.45
N ALA D 4 6.06 31.17 2.68
CA ALA D 4 5.37 30.61 3.87
C ALA D 4 4.04 31.36 4.10
N ASP D 5 4.05 32.70 4.01
CA ASP D 5 2.84 33.53 4.15
C ASP D 5 1.81 33.17 3.08
N ILE D 6 2.20 33.05 1.82
CA ILE D 6 1.23 32.64 0.75
C ILE D 6 0.64 31.27 1.07
N LEU D 7 1.47 30.35 1.58
CA LEU D 7 1.01 28.95 1.77
C LEU D 7 0.10 28.89 2.99
N TYR D 8 0.44 29.59 4.06
CA TYR D 8 -0.39 29.69 5.27
C TYR D 8 -1.72 30.31 4.87
N ASN D 9 -1.75 31.34 4.02
CA ASN D 9 -3.05 31.93 3.57
C ASN D 9 -3.88 30.85 2.83
N ILE D 10 -3.25 30.15 1.88
CA ILE D 10 -3.93 29.06 1.14
C ILE D 10 -4.43 27.99 2.11
N ARG D 11 -3.64 27.57 3.08
CA ARG D 11 -4.03 26.50 4.06
C ARG D 11 -5.23 26.98 4.87
N GLN D 12 -5.30 28.25 5.27
CA GLN D 12 -6.39 28.78 6.12
C GLN D 12 -7.67 28.94 5.31
N THR D 13 -7.61 29.17 4.01
CA THR D 13 -8.80 29.47 3.16
C THR D 13 -9.26 28.22 2.38
N SER D 14 -8.34 27.36 1.98
CA SER D 14 -8.67 26.21 1.10
C SER D 14 -9.45 25.17 1.94
N ARG D 15 -10.51 24.66 1.34
CA ARG D 15 -11.37 23.60 1.91
C ARG D 15 -11.24 22.44 0.95
N PRO D 16 -10.33 21.49 1.23
CA PRO D 16 -10.05 20.43 0.28
C PRO D 16 -11.27 19.63 -0.16
N ASP D 17 -12.32 19.61 0.66
CA ASP D 17 -13.49 18.72 0.44
C ASP D 17 -14.63 19.54 -0.16
N VAL D 18 -14.45 20.83 -0.43
CA VAL D 18 -15.53 21.74 -0.88
C VAL D 18 -15.21 22.26 -2.28
N ILE D 19 -16.05 21.96 -3.23
CA ILE D 19 -15.83 22.43 -4.62
C ILE D 19 -15.90 23.96 -4.58
N PRO D 20 -14.94 24.70 -5.16
CA PRO D 20 -14.98 26.17 -5.13
C PRO D 20 -15.91 26.81 -6.17
N THR D 21 -17.21 26.51 -6.16
CA THR D 21 -18.20 27.12 -7.06
C THR D 21 -18.37 28.57 -6.63
N GLN D 22 -18.32 29.45 -7.63
CA GLN D 22 -18.57 30.92 -7.59
C GLN D 22 -20.06 31.09 -7.95
N ARG D 23 -20.88 31.67 -7.07
CA ARG D 23 -22.36 31.69 -7.21
C ARG D 23 -22.81 30.23 -7.31
N ASP D 24 -23.70 29.93 -8.25
CA ASP D 24 -24.10 28.53 -8.55
C ASP D 24 -23.59 28.12 -9.94
N ARG D 25 -22.52 28.75 -10.43
CA ARG D 25 -21.80 28.34 -11.67
C ARG D 25 -20.94 27.12 -11.40
N PRO D 26 -20.81 26.24 -12.42
CA PRO D 26 -19.86 25.15 -12.34
C PRO D 26 -18.41 25.67 -12.28
N VAL D 27 -17.53 24.91 -11.66
CA VAL D 27 -16.06 25.06 -11.77
C VAL D 27 -15.66 24.49 -13.13
N ALA D 28 -15.06 25.34 -13.95
CA ALA D 28 -14.53 25.01 -15.29
C ALA D 28 -13.15 24.39 -15.08
N VAL D 29 -13.06 23.09 -15.32
CA VAL D 29 -11.81 22.31 -15.24
C VAL D 29 -11.32 22.06 -16.67
N SER D 30 -10.11 22.49 -16.96
CA SER D 30 -9.41 22.17 -18.23
C SER D 30 -8.59 20.90 -18.01
N VAL D 31 -8.71 19.97 -18.96
CA VAL D 31 -7.99 18.67 -18.98
C VAL D 31 -7.39 18.48 -20.36
N SER D 32 -6.10 18.22 -20.39
CA SER D 32 -5.33 17.96 -21.61
C SER D 32 -4.37 16.79 -21.31
N LEU D 33 -4.50 15.64 -21.97
CA LEU D 33 -3.51 14.55 -21.82
C LEU D 33 -2.37 14.76 -22.82
N LYS D 34 -1.15 14.55 -22.36
CA LYS D 34 0.05 14.49 -23.22
C LYS D 34 0.60 13.09 -23.06
N PHE D 35 0.55 12.29 -24.12
CA PHE D 35 0.98 10.87 -24.07
C PHE D 35 2.50 10.84 -24.06
N ILE D 36 3.05 10.11 -23.11
CA ILE D 36 4.53 9.96 -22.96
C ILE D 36 4.95 8.58 -23.45
N ASN D 37 4.12 7.57 -23.27
CA ASN D 37 4.56 6.18 -23.54
C ASN D 37 3.35 5.28 -23.74
N ILE D 38 3.51 4.31 -24.63
CA ILE D 38 2.60 3.14 -24.75
C ILE D 38 3.48 1.91 -24.49
N LEU D 39 3.19 1.19 -23.41
CA LEU D 39 4.11 0.23 -22.77
C LEU D 39 3.74 -1.21 -23.13
N GLU D 40 2.46 -1.55 -23.06
CA GLU D 40 1.95 -2.92 -23.31
C GLU D 40 0.65 -2.76 -24.07
N VAL D 41 0.56 -3.51 -25.15
CA VAL D 41 -0.64 -3.53 -26.00
C VAL D 41 -0.95 -5.00 -26.19
N ASN D 42 -2.21 -5.37 -26.04
CA ASN D 42 -2.66 -6.76 -26.22
C ASN D 42 -3.84 -6.73 -27.17
N GLU D 43 -3.65 -7.18 -28.41
CA GLU D 43 -4.68 -7.08 -29.47
C GLU D 43 -5.74 -8.16 -29.22
N ILE D 44 -5.40 -9.21 -28.48
CA ILE D 44 -6.37 -10.30 -28.14
C ILE D 44 -7.34 -9.83 -27.04
N THR D 45 -6.82 -9.26 -25.94
CA THR D 45 -7.62 -8.79 -24.77
C THR D 45 -8.11 -7.35 -24.97
N ASN D 46 -7.64 -6.63 -25.98
CA ASN D 46 -7.99 -5.18 -26.17
C ASN D 46 -7.66 -4.38 -24.88
N GLU D 47 -6.41 -4.46 -24.45
CA GLU D 47 -5.92 -3.78 -23.25
C GLU D 47 -4.61 -3.11 -23.60
N VAL D 48 -4.46 -1.88 -23.13
CA VAL D 48 -3.26 -1.04 -23.37
C VAL D 48 -2.85 -0.43 -22.03
N ASP D 49 -1.56 -0.29 -21.85
CA ASP D 49 -0.89 0.29 -20.68
C ASP D 49 -0.24 1.58 -21.18
N VAL D 50 -0.65 2.73 -20.68
CA VAL D 50 -0.18 4.06 -21.19
C VAL D 50 0.38 4.90 -20.04
N VAL D 51 1.32 5.79 -20.36
CA VAL D 51 1.83 6.84 -19.47
C VAL D 51 1.44 8.17 -20.12
N PHE D 52 0.78 9.06 -19.36
CA PHE D 52 0.41 10.39 -19.84
C PHE D 52 0.52 11.40 -18.69
N TRP D 53 0.82 12.64 -19.09
CA TRP D 53 0.72 13.83 -18.23
C TRP D 53 -0.72 14.31 -18.35
N GLN D 54 -1.45 14.40 -17.25
CA GLN D 54 -2.83 14.92 -17.24
C GLN D 54 -2.78 16.39 -16.81
N ARG D 55 -2.61 17.31 -17.74
CA ARG D 55 -2.55 18.75 -17.40
C ARG D 55 -3.94 19.19 -16.98
N THR D 56 -4.07 19.63 -15.73
CA THR D 56 -5.38 19.89 -15.09
C THR D 56 -5.32 21.30 -14.50
N THR D 57 -6.20 22.17 -14.93
CA THR D 57 -6.25 23.56 -14.43
C THR D 57 -7.69 23.95 -14.10
N TRP D 58 -7.80 24.84 -13.14
CA TRP D 58 -9.09 25.41 -12.70
C TRP D 58 -8.76 26.64 -11.85
N SER D 59 -9.81 27.31 -11.39
CA SER D 59 -9.76 28.57 -10.65
C SER D 59 -10.31 28.35 -9.25
N ASP D 60 -9.61 28.86 -8.24
CA ASP D 60 -10.19 29.12 -6.90
C ASP D 60 -9.81 30.56 -6.53
N ARG D 61 -10.64 31.52 -6.88
CA ARG D 61 -10.31 32.97 -6.73
C ARG D 61 -10.20 33.35 -5.24
N THR D 62 -10.74 32.59 -4.32
CA THR D 62 -10.56 32.83 -2.85
C THR D 62 -9.10 32.68 -2.43
N LEU D 63 -8.24 31.98 -3.20
CA LEU D 63 -6.80 31.73 -2.86
C LEU D 63 -5.93 32.90 -3.35
N ALA D 64 -6.49 33.86 -4.07
CA ALA D 64 -5.69 34.86 -4.82
C ALA D 64 -4.97 35.77 -3.79
N TRP D 65 -3.85 36.35 -4.18
CA TRP D 65 -3.08 37.33 -3.38
C TRP D 65 -2.43 38.36 -4.31
N ASP D 66 -1.99 39.47 -3.75
CA ASP D 66 -1.29 40.53 -4.52
C ASP D 66 0.18 40.13 -4.59
N SER D 67 0.74 40.00 -5.80
CA SER D 67 2.11 39.54 -6.07
C SER D 67 2.97 40.63 -6.73
N SER D 68 2.63 41.90 -6.54
CA SER D 68 3.44 43.08 -6.95
C SER D 68 4.88 42.93 -6.42
N HIS D 69 5.04 42.64 -5.13
CA HIS D 69 6.36 42.58 -4.45
C HIS D 69 6.57 41.21 -3.80
N SER D 70 5.78 40.15 -4.18
CA SER D 70 5.81 38.76 -3.67
C SER D 70 5.93 37.74 -4.82
N PRO D 71 6.23 36.47 -4.52
CA PRO D 71 6.22 35.41 -5.53
C PRO D 71 4.82 35.26 -6.15
N ASP D 72 4.71 35.03 -7.45
CA ASP D 72 3.38 34.98 -8.12
C ASP D 72 2.87 33.54 -8.18
N GLN D 73 3.67 32.56 -7.73
CA GLN D 73 3.29 31.12 -7.74
C GLN D 73 3.91 30.39 -6.56
N VAL D 74 3.19 29.41 -6.01
CA VAL D 74 3.80 28.44 -5.05
C VAL D 74 3.39 27.01 -5.39
N SER D 75 4.19 26.06 -4.92
CA SER D 75 3.90 24.61 -4.93
C SER D 75 3.16 24.25 -3.64
N VAL D 76 2.03 23.56 -3.76
CA VAL D 76 1.19 23.20 -2.60
C VAL D 76 0.87 21.72 -2.72
N PRO D 77 1.00 20.93 -1.64
CA PRO D 77 0.57 19.52 -1.66
C PRO D 77 -0.91 19.48 -1.99
N ILE D 78 -1.34 18.54 -2.83
CA ILE D 78 -2.77 18.51 -3.26
C ILE D 78 -3.66 18.17 -2.07
N SER D 79 -3.16 17.56 -1.02
CA SER D 79 -3.97 17.24 0.18
C SER D 79 -4.44 18.54 0.85
N SER D 80 -3.81 19.70 0.58
CA SER D 80 -4.22 21.03 1.14
C SER D 80 -5.20 21.76 0.24
N LEU D 81 -5.47 21.25 -0.96
CA LEU D 81 -6.33 21.95 -1.94
C LEU D 81 -7.54 21.12 -2.31
N TRP D 82 -8.61 21.72 -2.76
CA TRP D 82 -9.64 20.97 -3.47
C TRP D 82 -9.04 20.59 -4.82
N VAL D 83 -9.29 19.37 -5.23
CA VAL D 83 -8.82 18.84 -6.54
C VAL D 83 -10.01 18.17 -7.19
N PRO D 84 -10.21 18.36 -8.49
CA PRO D 84 -11.27 17.64 -9.20
C PRO D 84 -11.15 16.12 -9.04
N ASP D 85 -12.28 15.44 -8.85
CA ASP D 85 -12.40 13.97 -8.64
C ASP D 85 -12.50 13.28 -10.01
N LEU D 86 -11.53 13.55 -10.88
CA LEU D 86 -11.52 13.00 -12.27
C LEU D 86 -11.29 11.49 -12.23
N ALA D 87 -11.92 10.75 -13.13
CA ALA D 87 -11.66 9.31 -13.34
C ALA D 87 -11.79 8.97 -14.80
N ALA D 88 -11.09 7.95 -15.22
CA ALA D 88 -11.25 7.40 -16.57
C ALA D 88 -12.31 6.31 -16.46
N TYR D 89 -13.37 6.41 -17.23
CA TYR D 89 -14.51 5.47 -17.23
C TYR D 89 -14.07 4.09 -17.76
N ASN D 90 -13.09 4.00 -18.65
CA ASN D 90 -12.70 2.68 -19.22
C ASN D 90 -11.35 2.22 -18.63
N ALA D 91 -10.91 2.81 -17.51
CA ALA D 91 -9.72 2.31 -16.79
C ALA D 91 -10.03 0.91 -16.25
N ILE D 92 -9.04 0.02 -16.28
CA ILE D 92 -9.14 -1.31 -15.65
C ILE D 92 -8.04 -1.47 -14.61
N SER D 93 -7.26 -0.45 -14.33
CA SER D 93 -6.33 -0.43 -13.17
C SER D 93 -6.45 0.90 -12.45
N LYS D 94 -6.07 0.95 -11.17
CA LYS D 94 -5.92 2.24 -10.43
C LYS D 94 -4.92 3.11 -11.18
N PRO D 95 -5.07 4.44 -11.19
CA PRO D 95 -4.05 5.30 -11.75
C PRO D 95 -2.80 5.23 -10.86
N GLU D 96 -1.63 4.93 -11.41
CA GLU D 96 -0.33 4.98 -10.68
C GLU D 96 0.24 6.38 -10.96
N VAL D 97 0.15 7.28 -10.00
CA VAL D 97 0.77 8.63 -10.06
C VAL D 97 2.27 8.48 -9.87
N LEU D 98 3.06 8.84 -10.88
CA LEU D 98 4.52 8.60 -10.88
C LEU D 98 5.23 9.81 -10.26
N THR D 99 4.56 10.95 -10.09
CA THR D 99 5.20 12.23 -9.82
C THR D 99 4.79 12.74 -8.45
N PRO D 100 5.59 13.65 -7.84
CA PRO D 100 5.20 14.30 -6.57
C PRO D 100 3.83 14.96 -6.68
N GLN D 101 2.99 14.74 -5.69
CA GLN D 101 1.58 15.16 -5.65
C GLN D 101 1.45 16.59 -5.13
N LEU D 102 2.00 17.52 -5.91
CA LEU D 102 2.06 18.97 -5.65
C LEU D 102 1.29 19.61 -6.80
N ALA D 103 0.52 20.63 -6.50
CA ALA D 103 -0.08 21.53 -7.51
C ALA D 103 0.68 22.85 -7.45
N ARG D 104 0.51 23.69 -8.47
CA ARG D 104 0.94 25.10 -8.47
C ARG D 104 -0.30 25.97 -8.22
N VAL D 105 -0.18 26.91 -7.32
CA VAL D 105 -1.20 27.97 -7.13
C VAL D 105 -0.60 29.29 -7.58
N VAL D 106 -1.30 29.96 -8.49
CA VAL D 106 -0.89 31.26 -9.10
C VAL D 106 -1.64 32.37 -8.37
N SER D 107 -1.05 33.58 -8.31
CA SER D 107 -1.56 34.68 -7.46
C SER D 107 -2.95 35.15 -7.93
N ASP D 108 -3.34 34.91 -9.17
CA ASP D 108 -4.70 35.22 -9.69
C ASP D 108 -5.72 34.13 -9.24
N GLY D 109 -5.29 33.11 -8.51
CA GLY D 109 -6.19 32.02 -8.04
C GLY D 109 -6.26 30.81 -8.98
N GLU D 110 -5.42 30.77 -10.02
CA GLU D 110 -5.36 29.59 -10.92
C GLU D 110 -4.67 28.46 -10.15
N VAL D 111 -5.21 27.26 -10.27
CA VAL D 111 -4.54 26.03 -9.75
C VAL D 111 -4.21 25.13 -10.93
N LEU D 112 -2.98 24.63 -10.94
CA LEU D 112 -2.44 23.79 -12.02
C LEU D 112 -1.90 22.50 -11.37
N TYR D 113 -2.32 21.32 -11.84
CA TYR D 113 -1.92 19.99 -11.32
C TYR D 113 -1.55 19.11 -12.55
N VAL D 114 -0.34 18.59 -12.60
CA VAL D 114 0.15 17.84 -13.80
C VAL D 114 0.75 16.52 -13.38
N PRO D 115 -0.06 15.57 -12.91
CA PRO D 115 0.47 14.25 -12.56
C PRO D 115 0.81 13.45 -13.82
N SER D 116 1.92 12.74 -13.75
CA SER D 116 2.29 11.70 -14.71
C SER D 116 1.66 10.42 -14.21
N ILE D 117 0.79 9.84 -15.06
CA ILE D 117 -0.04 8.68 -14.70
C ILE D 117 0.26 7.50 -15.63
N ARG D 118 0.48 6.34 -15.04
CA ARG D 118 0.50 5.05 -15.73
C ARG D 118 -0.81 4.35 -15.41
N GLN D 119 -1.54 3.92 -16.42
CA GLN D 119 -2.84 3.28 -16.22
C GLN D 119 -3.14 2.35 -17.38
N ARG D 120 -3.94 1.33 -17.11
CA ARG D 120 -4.34 0.30 -18.10
C ARG D 120 -5.78 0.58 -18.52
N PHE D 121 -6.07 0.49 -19.81
CA PHE D 121 -7.40 0.78 -20.36
C PHE D 121 -7.87 -0.39 -21.22
N SER D 122 -9.19 -0.57 -21.17
CA SER D 122 -9.98 -1.42 -22.08
C SER D 122 -10.43 -0.48 -23.23
N CYS D 123 -9.95 -0.78 -24.42
CA CYS D 123 -10.22 0.06 -25.59
C CYS D 123 -9.82 -0.72 -26.86
N ASP D 124 -10.16 -0.17 -28.02
CA ASP D 124 -10.00 -0.84 -29.33
C ASP D 124 -8.53 -0.82 -29.74
N VAL D 125 -7.91 -1.98 -29.72
CA VAL D 125 -6.49 -2.17 -30.11
C VAL D 125 -6.43 -2.75 -31.55
N SER D 126 -7.58 -3.05 -32.16
CA SER D 126 -7.60 -3.67 -33.52
C SER D 126 -6.96 -2.68 -34.52
N GLY D 127 -6.08 -3.19 -35.38
CA GLY D 127 -5.42 -2.41 -36.45
C GLY D 127 -4.09 -1.83 -36.02
N VAL D 128 -3.64 -2.13 -34.79
CA VAL D 128 -2.39 -1.57 -34.23
C VAL D 128 -1.20 -1.87 -35.16
N ASP D 129 -1.16 -3.06 -35.79
CA ASP D 129 -0.03 -3.51 -36.64
C ASP D 129 -0.27 -3.12 -38.11
N THR D 130 -1.25 -2.25 -38.39
CA THR D 130 -1.57 -1.73 -39.75
C THR D 130 -1.08 -0.30 -39.88
N GLU D 131 -1.20 0.23 -41.10
CA GLU D 131 -0.76 1.58 -41.49
C GLU D 131 -1.71 2.60 -40.84
N SER D 132 -3.00 2.27 -40.80
CA SER D 132 -4.07 3.17 -40.29
C SER D 132 -4.00 3.19 -38.77
N GLY D 133 -3.52 2.09 -38.16
CA GLY D 133 -3.27 2.00 -36.72
C GLY D 133 -4.55 1.69 -35.96
N ALA D 134 -4.45 1.69 -34.63
CA ALA D 134 -5.59 1.50 -33.72
C ALA D 134 -6.04 2.87 -33.21
N THR D 135 -7.30 2.96 -32.83
CA THR D 135 -7.86 4.15 -32.13
C THR D 135 -8.34 3.68 -30.76
N CYS D 136 -7.62 4.07 -29.72
CA CYS D 136 -7.96 3.83 -28.30
C CYS D 136 -8.63 5.08 -27.74
N ARG D 137 -9.89 4.96 -27.30
CA ARG D 137 -10.67 6.10 -26.71
C ARG D 137 -10.61 6.03 -25.19
N ILE D 138 -10.14 7.09 -24.55
CA ILE D 138 -10.11 7.27 -23.07
C ILE D 138 -11.11 8.38 -22.68
N LYS D 139 -12.13 8.02 -21.89
CA LYS D 139 -13.17 8.94 -21.36
C LYS D 139 -12.76 9.36 -19.94
N ILE D 140 -12.45 10.63 -19.73
CA ILE D 140 -12.12 11.20 -18.39
C ILE D 140 -13.16 12.24 -18.01
N GLY D 141 -13.74 12.12 -16.81
CA GLY D 141 -14.64 13.14 -16.22
C GLY D 141 -14.69 13.08 -14.71
N SER D 142 -15.46 13.98 -14.12
CA SER D 142 -15.75 13.96 -12.66
C SER D 142 -16.58 12.72 -12.39
N TRP D 143 -16.21 11.98 -11.36
CA TRP D 143 -16.99 10.79 -10.95
C TRP D 143 -18.27 11.20 -10.24
N THR D 144 -18.26 12.25 -9.44
CA THR D 144 -19.41 12.54 -8.52
C THR D 144 -20.05 13.91 -8.77
N HIS D 145 -19.48 14.76 -9.62
CA HIS D 145 -20.01 16.15 -9.83
C HIS D 145 -20.62 16.22 -11.22
N HIS D 146 -21.92 16.45 -11.28
CA HIS D 146 -22.65 16.69 -12.55
C HIS D 146 -22.29 18.08 -13.11
N SER D 147 -22.81 18.37 -14.30
CA SER D 147 -22.43 19.51 -15.16
C SER D 147 -22.75 20.87 -14.52
N ARG D 148 -23.68 20.95 -13.58
CA ARG D 148 -23.93 22.23 -12.87
C ARG D 148 -22.85 22.48 -11.80
N GLU D 149 -22.01 21.48 -11.48
CA GLU D 149 -20.95 21.60 -10.44
C GLU D 149 -19.58 21.61 -11.10
N ILE D 150 -19.35 20.78 -12.10
CA ILE D 150 -18.03 20.74 -12.81
C ILE D 150 -18.30 20.63 -14.30
N SER D 151 -17.66 21.50 -15.07
CA SER D 151 -17.58 21.38 -16.55
C SER D 151 -16.15 21.00 -16.90
N VAL D 152 -15.99 20.09 -17.86
CA VAL D 152 -14.63 19.65 -18.29
C VAL D 152 -14.46 20.14 -19.72
N ASP D 153 -13.39 20.88 -19.96
CA ASP D 153 -13.05 21.54 -21.26
C ASP D 153 -11.71 20.99 -21.73
N PRO D 154 -11.58 20.42 -22.94
CA PRO D 154 -10.26 20.14 -23.51
C PRO D 154 -9.52 21.37 -24.05
N THR D 155 -8.26 21.22 -24.45
CA THR D 155 -7.42 22.26 -25.12
C THR D 155 -6.81 21.66 -26.41
N SER D 162 2.04 14.43 -29.56
CA SER D 162 3.25 13.62 -29.88
C SER D 162 4.57 14.32 -29.50
N GLU D 163 4.54 15.61 -29.16
CA GLU D 163 5.72 16.43 -28.80
C GLU D 163 6.58 15.79 -27.69
N TYR D 164 5.99 15.12 -26.69
CA TYR D 164 6.71 14.58 -25.51
C TYR D 164 6.70 13.04 -25.48
N PHE D 165 6.26 12.40 -26.57
CA PHE D 165 6.15 10.94 -26.68
C PHE D 165 7.53 10.31 -26.76
N SER D 166 7.80 9.26 -26.00
CA SER D 166 9.14 8.63 -25.95
C SER D 166 9.44 8.08 -27.35
N GLN D 167 10.61 8.42 -27.88
CA GLN D 167 11.07 7.88 -29.18
C GLN D 167 11.44 6.39 -29.01
N TYR D 168 11.47 5.84 -27.79
CA TYR D 168 11.98 4.47 -27.53
C TYR D 168 10.82 3.47 -27.35
N SER D 169 9.58 3.93 -27.30
CA SER D 169 8.37 3.08 -27.44
C SER D 169 8.43 2.21 -28.72
N ARG D 170 7.83 1.03 -28.70
CA ARG D 170 7.65 0.19 -29.92
C ARG D 170 6.56 0.82 -30.80
N PHE D 171 5.78 1.75 -30.25
CA PHE D 171 4.62 2.38 -30.94
C PHE D 171 4.96 3.82 -31.27
N GLU D 172 4.20 4.41 -32.19
CA GLU D 172 4.26 5.85 -32.54
C GLU D 172 2.84 6.38 -32.63
N ILE D 173 2.69 7.69 -32.43
CA ILE D 173 1.37 8.36 -32.43
C ILE D 173 1.12 8.97 -33.80
N LEU D 174 -0.02 8.68 -34.39
CA LEU D 174 -0.51 9.27 -35.66
C LEU D 174 -1.32 10.51 -35.37
N ASP D 175 -2.21 10.47 -34.38
CA ASP D 175 -3.16 11.58 -34.08
C ASP D 175 -3.69 11.42 -32.66
N VAL D 176 -3.81 12.53 -31.94
CA VAL D 176 -4.61 12.63 -30.70
C VAL D 176 -5.72 13.67 -30.92
N THR D 177 -6.98 13.28 -30.75
CA THR D 177 -8.14 14.21 -30.75
C THR D 177 -8.75 14.24 -29.34
N GLN D 178 -9.13 15.43 -28.85
CA GLN D 178 -9.80 15.63 -27.54
C GLN D 178 -11.16 16.28 -27.80
N LYS D 179 -12.26 15.52 -27.67
CA LYS D 179 -13.66 16.00 -27.84
C LYS D 179 -14.42 16.03 -26.49
N LYS D 180 -15.15 17.12 -26.22
CA LYS D 180 -16.12 17.20 -25.11
C LYS D 180 -17.30 16.25 -25.35
N ASN D 181 -17.85 15.69 -24.28
CA ASN D 181 -18.97 14.70 -24.31
C ASN D 181 -19.70 14.79 -22.97
N SER D 182 -20.84 14.11 -22.87
CA SER D 182 -21.77 14.22 -21.71
C SER D 182 -22.50 12.88 -21.52
N VAL D 183 -22.62 12.38 -20.30
CA VAL D 183 -23.35 11.11 -20.01
C VAL D 183 -24.44 11.41 -18.99
N THR D 184 -25.53 10.65 -19.04
CA THR D 184 -26.72 10.76 -18.15
C THR D 184 -27.18 9.33 -17.82
N TYR D 185 -27.72 9.11 -16.61
CA TYR D 185 -28.12 7.78 -16.08
C TYR D 185 -29.65 7.76 -15.89
N SER D 186 -30.23 6.58 -16.15
CA SER D 186 -31.70 6.33 -16.22
C SER D 186 -32.40 6.96 -15.01
N CYS D 187 -31.85 6.83 -13.80
CA CYS D 187 -32.41 7.31 -12.51
C CYS D 187 -32.78 8.80 -12.58
N CYS D 188 -31.86 9.65 -13.04
CA CYS D 188 -31.73 11.07 -12.60
C CYS D 188 -31.55 11.98 -13.81
N PRO D 189 -31.90 13.27 -13.65
CA PRO D 189 -31.78 14.24 -14.73
C PRO D 189 -30.35 14.79 -14.91
N GLU D 190 -29.48 14.54 -13.92
CA GLU D 190 -28.11 15.09 -13.85
C GLU D 190 -27.31 14.57 -15.06
N ALA D 191 -26.57 15.46 -15.73
CA ALA D 191 -25.60 15.08 -16.79
C ALA D 191 -24.16 15.19 -16.26
N TYR D 192 -23.27 14.25 -16.59
CA TYR D 192 -21.83 14.25 -16.21
C TYR D 192 -20.99 14.55 -17.45
N GLU D 193 -20.22 15.62 -17.44
CA GLU D 193 -19.32 16.01 -18.56
C GLU D 193 -18.07 15.13 -18.52
N ASP D 194 -17.56 14.80 -19.69
CA ASP D 194 -16.25 14.12 -19.83
C ASP D 194 -15.51 14.69 -21.04
N VAL D 195 -14.20 14.43 -21.08
CA VAL D 195 -13.36 14.54 -22.30
C VAL D 195 -13.11 13.12 -22.84
N GLU D 196 -13.39 12.91 -24.11
CA GLU D 196 -13.06 11.69 -24.87
C GLU D 196 -11.76 11.97 -25.61
N VAL D 197 -10.69 11.29 -25.25
CA VAL D 197 -9.37 11.45 -25.89
C VAL D 197 -9.18 10.24 -26.80
N SER D 198 -9.01 10.50 -28.09
CA SER D 198 -8.85 9.48 -29.13
C SER D 198 -7.38 9.41 -29.50
N LEU D 199 -6.71 8.35 -29.08
CA LEU D 199 -5.28 8.07 -29.38
C LEU D 199 -5.23 7.12 -30.58
N ASN D 200 -4.90 7.65 -31.75
CA ASN D 200 -4.63 6.87 -32.98
C ASN D 200 -3.12 6.58 -33.00
N PHE D 201 -2.74 5.31 -32.88
CA PHE D 201 -1.32 4.92 -32.77
C PHE D 201 -1.07 3.59 -33.49
N ARG D 202 0.19 3.27 -33.75
CA ARG D 202 0.52 1.99 -34.43
C ARG D 202 1.92 1.52 -34.07
N LYS D 203 2.18 0.24 -34.30
CA LYS D 203 3.51 -0.36 -34.11
C LYS D 203 4.40 0.22 -35.21
N LYS D 204 5.67 0.47 -34.93
CA LYS D 204 6.60 1.14 -35.87
C LYS D 204 7.00 0.19 -37.01
N ALA E 1 -27.34 28.72 3.88
CA ALA E 1 -26.24 27.69 4.00
C ALA E 1 -25.63 27.39 2.61
N ASP E 2 -24.29 27.50 2.48
CA ASP E 2 -23.50 27.15 1.27
C ASP E 2 -22.91 25.72 1.41
N ARG E 3 -22.19 25.25 0.41
CA ARG E 3 -21.67 23.87 0.38
C ARG E 3 -20.78 23.65 1.61
N ALA E 4 -19.93 24.62 1.96
CA ALA E 4 -18.98 24.53 3.10
C ALA E 4 -19.76 24.31 4.40
N ASP E 5 -20.85 25.04 4.60
CA ASP E 5 -21.73 24.91 5.78
C ASP E 5 -22.34 23.51 5.81
N ILE E 6 -22.88 23.02 4.69
CA ILE E 6 -23.46 21.63 4.66
C ILE E 6 -22.38 20.63 5.06
N LEU E 7 -21.16 20.81 4.58
CA LEU E 7 -20.08 19.82 4.82
C LEU E 7 -19.60 19.86 6.25
N TYR E 8 -19.42 21.06 6.78
CA TYR E 8 -19.14 21.28 8.22
C TYR E 8 -20.18 20.57 9.08
N ASN E 9 -21.45 20.76 8.76
CA ASN E 9 -22.54 20.17 9.57
C ASN E 9 -22.51 18.65 9.47
N ILE E 10 -22.31 18.11 8.28
CA ILE E 10 -22.18 16.63 8.09
C ILE E 10 -21.01 16.14 8.95
N ARG E 11 -19.86 16.80 8.92
CA ARG E 11 -18.70 16.31 9.71
C ARG E 11 -19.02 16.35 11.21
N GLN E 12 -19.76 17.34 11.71
CA GLN E 12 -20.09 17.45 13.14
C GLN E 12 -21.10 16.38 13.57
N THR E 13 -22.02 15.93 12.70
CA THR E 13 -23.09 14.99 13.12
C THR E 13 -22.77 13.54 12.66
N SER E 14 -22.01 13.36 11.59
CA SER E 14 -21.67 12.00 11.06
C SER E 14 -20.76 11.26 12.04
N ARG E 15 -21.11 10.01 12.31
CA ARG E 15 -20.32 9.11 13.17
C ARG E 15 -19.92 7.94 12.29
N PRO E 16 -18.75 8.01 11.64
CA PRO E 16 -18.35 7.00 10.67
C PRO E 16 -18.39 5.56 11.23
N ASP E 17 -18.29 5.38 12.55
CA ASP E 17 -18.16 4.03 13.13
C ASP E 17 -19.52 3.56 13.66
N VAL E 18 -20.58 4.35 13.50
CA VAL E 18 -21.90 4.05 14.11
C VAL E 18 -22.93 3.84 13.01
N ILE E 19 -23.52 2.67 12.96
CA ILE E 19 -24.56 2.37 11.96
C ILE E 19 -25.73 3.30 12.24
N PRO E 20 -26.25 4.03 11.24
CA PRO E 20 -27.33 4.98 11.49
C PRO E 20 -28.75 4.40 11.60
N THR E 21 -28.98 3.52 12.56
CA THR E 21 -30.31 2.92 12.80
C THR E 21 -31.23 4.02 13.32
N GLN E 22 -32.40 4.11 12.69
CA GLN E 22 -33.52 5.06 12.94
C GLN E 22 -34.51 4.26 13.77
N ARG E 23 -34.89 4.69 14.98
CA ARG E 23 -35.58 3.83 16.00
C ARG E 23 -34.63 2.67 16.26
N ASP E 24 -35.13 1.43 16.29
CA ASP E 24 -34.20 0.26 16.29
C ASP E 24 -34.40 -0.57 15.01
N ARG E 25 -34.73 0.10 13.91
CA ARG E 25 -34.92 -0.50 12.56
C ARG E 25 -33.56 -0.85 11.94
N PRO E 26 -33.49 -1.92 11.12
CA PRO E 26 -32.32 -2.13 10.29
C PRO E 26 -32.17 -0.99 9.26
N VAL E 27 -30.93 -0.67 8.93
CA VAL E 27 -30.57 0.22 7.80
C VAL E 27 -30.72 -0.61 6.52
N ALA E 28 -31.57 -0.13 5.63
CA ALA E 28 -31.91 -0.73 4.32
C ALA E 28 -30.83 -0.29 3.35
N VAL E 29 -29.99 -1.22 2.94
CA VAL E 29 -28.88 -0.96 2.00
C VAL E 29 -29.27 -1.55 0.66
N SER E 30 -29.35 -0.72 -0.37
CA SER E 30 -29.55 -1.12 -1.78
C SER E 30 -28.21 -1.34 -2.44
N VAL E 31 -28.08 -2.46 -3.13
CA VAL E 31 -26.84 -2.91 -3.82
C VAL E 31 -27.21 -3.41 -5.20
N SER E 32 -26.52 -2.89 -6.20
CA SER E 32 -26.76 -3.18 -7.63
C SER E 32 -25.37 -3.18 -8.29
N LEU E 33 -24.92 -4.32 -8.83
CA LEU E 33 -23.65 -4.36 -9.60
C LEU E 33 -23.96 -4.10 -11.08
N LYS E 34 -23.16 -3.26 -11.73
CA LYS E 34 -23.17 -3.06 -13.20
C LYS E 34 -21.79 -3.50 -13.67
N PHE E 35 -21.74 -4.58 -14.41
CA PHE E 35 -20.52 -5.19 -14.96
C PHE E 35 -20.01 -4.31 -16.09
N ILE E 36 -18.76 -3.93 -15.99
CA ILE E 36 -18.09 -3.07 -17.00
C ILE E 36 -17.14 -3.93 -17.83
N ASN E 37 -16.51 -4.94 -17.24
CA ASN E 37 -15.47 -5.67 -17.94
C ASN E 37 -15.27 -7.03 -17.28
N ILE E 38 -14.93 -8.02 -18.09
CA ILE E 38 -14.41 -9.33 -17.60
C ILE E 38 -13.03 -9.47 -18.22
N LEU E 39 -12.01 -9.54 -17.39
CA LEU E 39 -10.60 -9.30 -17.82
C LEU E 39 -9.87 -10.64 -17.99
N GLU E 40 -10.03 -11.56 -17.04
CA GLU E 40 -9.28 -12.83 -17.00
C GLU E 40 -10.26 -13.85 -16.46
N VAL E 41 -10.30 -14.95 -17.15
CA VAL E 41 -11.15 -16.11 -16.84
C VAL E 41 -10.20 -17.29 -16.90
N ASN E 42 -10.25 -18.15 -15.92
CA ASN E 42 -9.46 -19.39 -15.88
C ASN E 42 -10.43 -20.55 -15.63
N GLU E 43 -10.66 -21.37 -16.67
CA GLU E 43 -11.66 -22.44 -16.61
C GLU E 43 -11.11 -23.59 -15.77
N ILE E 44 -9.79 -23.69 -15.65
CA ILE E 44 -9.14 -24.77 -14.85
C ILE E 44 -9.23 -24.47 -13.34
N THR E 45 -8.90 -23.24 -12.91
CA THR E 45 -8.89 -22.82 -11.47
C THR E 45 -10.25 -22.24 -11.07
N ASN E 46 -11.19 -22.03 -12.02
CA ASN E 46 -12.50 -21.45 -11.69
C ASN E 46 -12.33 -20.07 -11.01
N GLU E 47 -11.63 -19.17 -11.67
CA GLU E 47 -11.33 -17.81 -11.19
C GLU E 47 -11.67 -16.83 -12.31
N VAL E 48 -12.24 -15.70 -11.92
CA VAL E 48 -12.57 -14.60 -12.84
C VAL E 48 -12.09 -13.32 -12.18
N ASP E 49 -11.64 -12.39 -13.01
CA ASP E 49 -11.22 -11.03 -12.64
C ASP E 49 -12.25 -10.11 -13.31
N VAL E 50 -13.05 -9.40 -12.55
CA VAL E 50 -14.10 -8.52 -13.15
C VAL E 50 -13.97 -7.07 -12.66
N VAL E 51 -14.50 -6.14 -13.46
CA VAL E 51 -14.67 -4.72 -13.13
C VAL E 51 -16.17 -4.46 -13.09
N PHE E 52 -16.66 -3.90 -11.97
CA PHE E 52 -18.08 -3.57 -11.82
C PHE E 52 -18.23 -2.27 -11.00
N TRP E 53 -19.30 -1.57 -11.31
CA TRP E 53 -19.79 -0.43 -10.50
C TRP E 53 -20.71 -1.01 -9.45
N GLN E 54 -20.41 -0.77 -8.19
CA GLN E 54 -21.28 -1.24 -7.08
C GLN E 54 -22.14 -0.06 -6.63
N ARG E 55 -23.29 0.12 -7.23
CA ARG E 55 -24.25 1.16 -6.80
C ARG E 55 -24.76 0.80 -5.44
N THR E 56 -24.52 1.65 -4.45
CA THR E 56 -24.79 1.38 -3.02
C THR E 56 -25.52 2.60 -2.47
N THR E 57 -26.70 2.42 -1.93
CA THR E 57 -27.49 3.51 -1.35
C THR E 57 -28.07 3.09 -0.01
N TRP E 58 -28.27 4.08 0.84
CA TRP E 58 -28.88 3.90 2.18
C TRP E 58 -29.27 5.29 2.66
N SER E 59 -29.90 5.33 3.82
CA SER E 59 -30.42 6.56 4.46
C SER E 59 -29.64 6.78 5.79
N ASP E 60 -29.17 8.00 6.00
CA ASP E 60 -28.74 8.49 7.33
C ASP E 60 -29.50 9.80 7.61
N ARG E 61 -30.66 9.71 8.23
CA ARG E 61 -31.58 10.86 8.42
C ARG E 61 -30.94 11.93 9.33
N THR E 62 -29.95 11.59 10.15
CA THR E 62 -29.24 12.57 11.00
C THR E 62 -28.45 13.57 10.15
N LEU E 63 -28.11 13.26 8.88
CA LEU E 63 -27.30 14.14 8.00
C LEU E 63 -28.18 15.16 7.30
N ALA E 64 -29.50 15.03 7.40
CA ALA E 64 -30.46 15.85 6.62
C ALA E 64 -30.31 17.33 6.96
N TRP E 65 -30.62 18.18 5.97
CA TRP E 65 -30.61 19.66 6.14
C TRP E 65 -31.75 20.25 5.29
N ASP E 66 -32.08 21.52 5.54
CA ASP E 66 -33.12 22.25 4.78
C ASP E 66 -32.47 22.78 3.50
N SER E 67 -32.96 22.39 2.33
CA SER E 67 -32.38 22.75 1.01
C SER E 67 -33.36 23.57 0.18
N SER E 68 -34.38 24.19 0.78
CA SER E 68 -34.95 25.44 0.18
C SER E 68 -33.80 26.45 0.39
N HIS E 69 -33.40 27.11 -0.69
CA HIS E 69 -32.33 28.17 -0.69
C HIS E 69 -31.00 27.54 -0.19
N SER E 70 -30.69 26.30 -0.55
CA SER E 70 -29.32 25.72 -0.47
C SER E 70 -29.20 24.56 -1.45
N PRO E 71 -27.97 24.10 -1.75
CA PRO E 71 -27.77 22.93 -2.62
C PRO E 71 -28.40 21.69 -2.00
N ASP E 72 -29.03 20.83 -2.81
CA ASP E 72 -29.75 19.68 -2.22
C ASP E 72 -28.86 18.45 -2.18
N GLN E 73 -27.64 18.53 -2.69
CA GLN E 73 -26.66 17.40 -2.77
C GLN E 73 -25.24 17.90 -2.63
N VAL E 74 -24.38 17.13 -1.94
CA VAL E 74 -22.90 17.40 -1.93
C VAL E 74 -22.12 16.11 -2.09
N SER E 75 -20.87 16.25 -2.53
CA SER E 75 -19.87 15.17 -2.53
C SER E 75 -19.10 15.15 -1.21
N VAL E 76 -19.00 14.00 -0.54
CA VAL E 76 -18.35 13.88 0.80
C VAL E 76 -17.41 12.69 0.74
N PRO E 77 -16.18 12.79 1.26
CA PRO E 77 -15.28 11.63 1.29
C PRO E 77 -15.91 10.56 2.18
N ILE E 78 -15.80 9.30 1.79
CA ILE E 78 -16.42 8.21 2.59
C ILE E 78 -15.77 8.09 3.95
N SER E 79 -14.54 8.54 4.15
CA SER E 79 -13.89 8.51 5.49
C SER E 79 -14.66 9.41 6.46
N SER E 80 -15.52 10.35 5.99
CA SER E 80 -16.37 11.20 6.87
C SER E 80 -17.73 10.56 7.17
N LEU E 81 -18.08 9.44 6.53
CA LEU E 81 -19.46 8.87 6.64
C LEU E 81 -19.39 7.45 7.19
N TRP E 82 -20.45 6.99 7.79
CA TRP E 82 -20.62 5.54 7.98
C TRP E 82 -20.85 4.95 6.60
N VAL E 83 -20.25 3.80 6.33
CA VAL E 83 -20.41 3.08 5.04
C VAL E 83 -20.68 1.62 5.39
N PRO E 84 -21.62 0.96 4.68
CA PRO E 84 -21.86 -0.45 4.89
C PRO E 84 -20.58 -1.29 4.71
N ASP E 85 -20.36 -2.24 5.60
CA ASP E 85 -19.21 -3.18 5.64
C ASP E 85 -19.51 -4.36 4.68
N LEU E 86 -19.83 -4.08 3.43
CA LEU E 86 -20.21 -5.12 2.43
C LEU E 86 -18.98 -5.94 2.07
N ALA E 87 -19.11 -7.24 1.90
CA ALA E 87 -18.03 -8.08 1.38
C ALA E 87 -18.61 -9.10 0.43
N ALA E 88 -17.79 -9.50 -0.53
CA ALA E 88 -18.13 -10.60 -1.43
C ALA E 88 -17.59 -11.87 -0.78
N TYR E 89 -18.45 -12.83 -0.46
CA TYR E 89 -18.07 -14.06 0.29
C TYR E 89 -17.13 -14.93 -0.57
N ASN E 90 -17.23 -14.92 -1.89
CA ASN E 90 -16.34 -15.79 -2.73
C ASN E 90 -15.27 -14.92 -3.42
N ALA E 91 -15.00 -13.70 -2.95
CA ALA E 91 -13.85 -12.91 -3.37
C ALA E 91 -12.57 -13.63 -2.92
N ILE E 92 -11.53 -13.61 -3.75
CA ILE E 92 -10.18 -14.16 -3.39
C ILE E 92 -9.14 -13.05 -3.52
N SER E 93 -9.55 -11.83 -3.81
CA SER E 93 -8.69 -10.63 -3.68
C SER E 93 -9.46 -9.56 -2.94
N LYS E 94 -8.75 -8.63 -2.33
CA LYS E 94 -9.31 -7.37 -1.81
C LYS E 94 -9.95 -6.63 -2.97
N PRO E 95 -11.05 -5.90 -2.75
CA PRO E 95 -11.59 -5.03 -3.78
C PRO E 95 -10.59 -3.90 -4.09
N GLU E 96 -10.20 -3.70 -5.33
CA GLU E 96 -9.36 -2.58 -5.80
C GLU E 96 -10.35 -1.50 -6.28
N VAL E 97 -10.55 -0.46 -5.48
CA VAL E 97 -11.41 0.70 -5.84
C VAL E 97 -10.66 1.53 -6.87
N LEU E 98 -11.19 1.66 -8.07
CA LEU E 98 -10.53 2.37 -9.18
C LEU E 98 -10.85 3.86 -9.13
N THR E 99 -11.88 4.29 -8.41
CA THR E 99 -12.48 5.62 -8.54
C THR E 99 -12.27 6.43 -7.26
N PRO E 100 -12.42 7.77 -7.32
CA PRO E 100 -12.36 8.59 -6.09
C PRO E 100 -13.37 8.12 -5.05
N GLN E 101 -12.92 8.01 -3.81
CA GLN E 101 -13.74 7.49 -2.66
C GLN E 101 -14.61 8.60 -2.06
N LEU E 102 -15.52 9.12 -2.90
CA LEU E 102 -16.50 10.18 -2.57
C LEU E 102 -17.88 9.56 -2.69
N ALA E 103 -18.74 9.87 -1.74
CA ALA E 103 -20.17 9.56 -1.78
C ALA E 103 -20.94 10.85 -2.11
N ARG E 104 -22.19 10.71 -2.54
CA ARG E 104 -23.13 11.82 -2.65
C ARG E 104 -24.10 11.77 -1.47
N VAL E 105 -24.27 12.91 -0.82
CA VAL E 105 -25.26 13.02 0.27
C VAL E 105 -26.33 13.99 -0.20
N VAL E 106 -27.58 13.53 -0.15
CA VAL E 106 -28.79 14.30 -0.51
C VAL E 106 -29.38 14.92 0.77
N SER E 107 -30.06 16.06 0.65
CA SER E 107 -30.53 16.87 1.81
C SER E 107 -31.55 16.09 2.64
N ASP E 108 -32.20 15.07 2.09
CA ASP E 108 -33.15 14.20 2.86
C ASP E 108 -32.37 13.16 3.69
N GLY E 109 -31.04 13.14 3.59
CA GLY E 109 -30.17 12.14 4.28
C GLY E 109 -29.90 10.86 3.45
N GLU E 110 -30.25 10.82 2.17
CA GLU E 110 -29.91 9.67 1.31
C GLU E 110 -28.41 9.74 1.00
N VAL E 111 -27.72 8.61 1.12
CA VAL E 111 -26.29 8.51 0.75
C VAL E 111 -26.15 7.54 -0.40
N LEU E 112 -25.43 7.96 -1.42
CA LEU E 112 -25.15 7.16 -2.65
C LEU E 112 -23.63 7.04 -2.82
N TYR E 113 -23.13 5.82 -2.95
CA TYR E 113 -21.69 5.51 -3.11
C TYR E 113 -21.59 4.54 -4.33
N VAL E 114 -20.79 4.91 -5.34
CA VAL E 114 -20.68 4.09 -6.57
C VAL E 114 -19.22 3.90 -6.91
N PRO E 115 -18.49 3.06 -6.16
CA PRO E 115 -17.13 2.75 -6.53
C PRO E 115 -17.10 1.78 -7.74
N SER E 116 -16.13 2.02 -8.61
CA SER E 116 -15.72 1.07 -9.64
C SER E 116 -14.71 0.16 -8.99
N ILE E 117 -15.00 -1.13 -9.01
CA ILE E 117 -14.21 -2.18 -8.32
C ILE E 117 -13.68 -3.19 -9.32
N ARG E 118 -12.38 -3.47 -9.21
CA ARG E 118 -11.72 -4.63 -9.83
C ARG E 118 -11.50 -5.67 -8.73
N GLN E 119 -12.02 -6.89 -8.94
CA GLN E 119 -11.90 -7.93 -7.90
C GLN E 119 -11.89 -9.32 -8.58
N ARG E 120 -11.24 -10.24 -7.94
CA ARG E 120 -11.11 -11.64 -8.39
C ARG E 120 -12.03 -12.51 -7.53
N PHE E 121 -12.75 -13.42 -8.16
CA PHE E 121 -13.71 -14.32 -7.52
C PHE E 121 -13.38 -15.78 -7.88
N SER E 122 -13.71 -16.65 -6.95
CA SER E 122 -13.83 -18.11 -7.10
C SER E 122 -15.29 -18.40 -7.45
N CYS E 123 -15.55 -18.90 -8.63
CA CYS E 123 -16.94 -19.18 -9.06
C CYS E 123 -16.92 -20.14 -10.28
N ASP E 124 -18.10 -20.58 -10.71
CA ASP E 124 -18.24 -21.60 -11.77
C ASP E 124 -17.95 -20.95 -13.14
N VAL E 125 -16.80 -21.31 -13.72
CA VAL E 125 -16.36 -20.81 -15.03
C VAL E 125 -16.62 -21.89 -16.11
N SER E 126 -17.11 -23.07 -15.72
CA SER E 126 -17.37 -24.13 -16.70
C SER E 126 -18.44 -23.65 -17.70
N GLY E 127 -18.19 -23.91 -18.99
CA GLY E 127 -19.10 -23.60 -20.11
C GLY E 127 -18.82 -22.24 -20.72
N VAL E 128 -17.80 -21.51 -20.24
CA VAL E 128 -17.50 -20.14 -20.72
C VAL E 128 -17.32 -20.11 -22.23
N ASP E 129 -16.68 -21.14 -22.82
CA ASP E 129 -16.35 -21.23 -24.27
C ASP E 129 -17.47 -21.96 -25.02
N THR E 130 -18.65 -22.10 -24.45
CA THR E 130 -19.88 -22.67 -25.09
C THR E 130 -20.87 -21.56 -25.39
N GLU E 131 -21.95 -21.93 -26.07
CA GLU E 131 -23.02 -21.00 -26.51
C GLU E 131 -23.84 -20.58 -25.27
N SER E 132 -24.04 -21.50 -24.34
CA SER E 132 -24.90 -21.27 -23.17
C SER E 132 -24.08 -20.45 -22.14
N GLY E 133 -22.75 -20.57 -22.21
CA GLY E 133 -21.84 -19.76 -21.38
C GLY E 133 -21.68 -20.30 -19.98
N ALA E 134 -20.96 -19.56 -19.15
CA ALA E 134 -20.75 -19.86 -17.72
C ALA E 134 -21.71 -19.01 -16.90
N THR E 135 -22.04 -19.49 -15.72
CA THR E 135 -22.78 -18.70 -14.71
C THR E 135 -21.89 -18.56 -13.48
N CYS E 136 -21.34 -17.37 -13.27
CA CYS E 136 -20.52 -17.02 -12.10
C CYS E 136 -21.42 -16.31 -11.06
N ARG E 137 -21.56 -16.88 -9.89
CA ARG E 137 -22.40 -16.32 -8.78
C ARG E 137 -21.47 -15.60 -7.80
N ILE E 138 -21.75 -14.33 -7.58
CA ILE E 138 -21.08 -13.45 -6.57
C ILE E 138 -22.07 -13.14 -5.43
N LYS E 139 -21.70 -13.55 -4.20
CA LYS E 139 -22.51 -13.36 -2.97
C LYS E 139 -21.98 -12.11 -2.25
N ILE E 140 -22.76 -11.04 -2.14
CA ILE E 140 -22.35 -9.80 -1.42
C ILE E 140 -23.31 -9.52 -0.28
N GLY E 141 -22.79 -9.34 0.94
CA GLY E 141 -23.56 -8.87 2.11
C GLY E 141 -22.70 -8.17 3.16
N SER E 142 -23.33 -7.73 4.24
CA SER E 142 -22.67 -7.16 5.43
C SER E 142 -21.86 -8.27 6.09
N TRP E 143 -20.60 -7.99 6.41
CA TRP E 143 -19.74 -8.98 7.08
C TRP E 143 -20.13 -9.11 8.54
N THR E 144 -20.49 -8.01 9.22
CA THR E 144 -20.61 -8.01 10.71
C THR E 144 -22.02 -7.65 11.20
N HIS E 145 -22.92 -7.21 10.31
CA HIS E 145 -24.26 -6.74 10.72
C HIS E 145 -25.29 -7.78 10.25
N HIS E 146 -25.94 -8.44 11.21
CA HIS E 146 -27.09 -9.34 10.96
C HIS E 146 -28.32 -8.53 10.53
N SER E 147 -29.37 -9.23 10.14
CA SER E 147 -30.55 -8.69 9.44
C SER E 147 -31.35 -7.68 10.30
N ARG E 148 -31.24 -7.72 11.63
CA ARG E 148 -31.89 -6.71 12.49
C ARG E 148 -31.12 -5.37 12.42
N GLU E 149 -29.87 -5.36 11.88
CA GLU E 149 -29.02 -4.14 11.82
C GLU E 149 -28.88 -3.67 10.39
N ILE E 150 -28.71 -4.57 9.44
CA ILE E 150 -28.62 -4.21 8.00
C ILE E 150 -29.47 -5.19 7.19
N SER E 151 -30.34 -4.68 6.34
CA SER E 151 -31.02 -5.45 5.28
C SER E 151 -30.40 -5.05 3.94
N VAL E 152 -30.14 -6.02 3.09
CA VAL E 152 -29.54 -5.83 1.76
C VAL E 152 -30.61 -6.10 0.71
N ASP E 153 -30.89 -5.14 -0.16
CA ASP E 153 -31.98 -5.16 -1.16
C ASP E 153 -31.36 -5.01 -2.55
N PRO E 154 -31.57 -5.93 -3.52
CA PRO E 154 -31.22 -5.62 -4.92
C PRO E 154 -32.26 -4.74 -5.61
N THR E 155 -31.96 -4.24 -6.82
CA THR E 155 -32.85 -3.37 -7.65
C THR E 155 -32.92 -3.92 -9.07
N SER E 162 -25.93 -5.31 -19.42
CA SER E 162 -24.95 -5.11 -20.52
C SER E 162 -24.91 -3.69 -21.09
N GLU E 163 -25.72 -2.79 -20.55
CA GLU E 163 -25.80 -1.36 -20.95
C GLU E 163 -24.43 -0.65 -20.87
N TYR E 164 -23.60 -0.94 -19.86
CA TYR E 164 -22.30 -0.24 -19.65
C TYR E 164 -21.12 -1.21 -19.83
N PHE E 165 -21.38 -2.45 -20.32
CA PHE E 165 -20.32 -3.47 -20.50
C PHE E 165 -19.44 -3.07 -21.67
N SER E 166 -18.12 -3.17 -21.54
CA SER E 166 -17.16 -2.74 -22.59
C SER E 166 -17.43 -3.61 -23.83
N GLN E 167 -17.58 -2.98 -24.99
CA GLN E 167 -17.72 -3.71 -26.25
C GLN E 167 -16.38 -4.36 -26.65
N TYR E 168 -15.28 -4.06 -25.97
CA TYR E 168 -13.93 -4.48 -26.39
C TYR E 168 -13.43 -5.68 -25.59
N SER E 169 -14.13 -6.09 -24.53
CA SER E 169 -13.90 -7.38 -23.83
C SER E 169 -13.95 -8.56 -24.82
N ARG E 170 -13.20 -9.62 -24.56
CA ARG E 170 -13.27 -10.91 -25.27
C ARG E 170 -14.57 -11.63 -24.89
N PHE E 171 -15.23 -11.20 -23.82
CA PHE E 171 -16.46 -11.85 -23.28
C PHE E 171 -17.65 -10.93 -23.55
N GLU E 172 -18.83 -11.52 -23.49
CA GLU E 172 -20.11 -10.79 -23.64
C GLU E 172 -21.06 -11.33 -22.59
N ILE E 173 -21.99 -10.50 -22.16
CA ILE E 173 -22.97 -10.85 -21.10
C ILE E 173 -24.25 -11.33 -21.76
N LEU E 174 -24.72 -12.50 -21.35
CA LEU E 174 -26.01 -13.05 -21.79
C LEU E 174 -27.10 -12.60 -20.81
N ASP E 175 -26.85 -12.66 -19.51
CA ASP E 175 -27.85 -12.35 -18.46
C ASP E 175 -27.14 -12.03 -17.12
N VAL E 176 -27.66 -11.04 -16.39
CA VAL E 176 -27.37 -10.80 -14.96
C VAL E 176 -28.68 -10.92 -14.17
N THR E 177 -28.72 -11.76 -13.16
CA THR E 177 -29.83 -11.97 -12.20
C THR E 177 -29.35 -11.52 -10.81
N GLN E 178 -30.15 -10.77 -10.06
CA GLN E 178 -29.79 -10.27 -8.68
C GLN E 178 -30.87 -10.77 -7.73
N LYS E 179 -30.63 -11.82 -6.93
CA LYS E 179 -31.60 -12.43 -5.98
C LYS E 179 -31.16 -12.26 -4.50
N LYS E 180 -32.08 -11.81 -3.65
CA LYS E 180 -31.88 -11.72 -2.18
C LYS E 180 -31.81 -13.12 -1.58
N ASN E 181 -31.00 -13.27 -0.54
CA ASN E 181 -30.72 -14.55 0.16
C ASN E 181 -30.31 -14.22 1.59
N SER E 182 -30.16 -15.23 2.43
CA SER E 182 -30.01 -15.10 3.89
C SER E 182 -29.21 -16.29 4.40
N VAL E 183 -28.18 -16.05 5.22
CA VAL E 183 -27.32 -17.14 5.75
C VAL E 183 -27.38 -17.07 7.27
N THR E 184 -27.30 -18.23 7.91
CA THR E 184 -27.34 -18.38 9.38
C THR E 184 -26.25 -19.37 9.82
N TYR E 185 -25.63 -19.15 10.98
CA TYR E 185 -24.45 -19.93 11.45
C TYR E 185 -24.82 -20.76 12.70
N SER E 186 -24.23 -21.95 12.81
CA SER E 186 -24.53 -22.99 13.82
C SER E 186 -24.61 -22.35 15.22
N CYS E 187 -23.66 -21.46 15.56
CA CYS E 187 -23.54 -20.74 16.87
C CYS E 187 -24.87 -20.08 17.30
N CYS E 188 -25.49 -19.30 16.41
CA CYS E 188 -26.32 -18.12 16.77
C CYS E 188 -27.61 -18.12 15.95
N PRO E 189 -28.67 -17.44 16.45
CA PRO E 189 -29.94 -17.34 15.73
C PRO E 189 -29.93 -16.26 14.63
N GLU E 190 -28.90 -15.40 14.64
CA GLU E 190 -28.74 -14.22 13.76
C GLU E 190 -28.66 -14.68 12.32
N ALA E 191 -29.40 -14.03 11.44
CA ALA E 191 -29.33 -14.20 9.98
C ALA E 191 -28.56 -13.03 9.34
N TYR E 192 -27.72 -13.30 8.35
CA TYR E 192 -26.96 -12.31 7.54
C TYR E 192 -27.55 -12.27 6.14
N GLU E 193 -28.03 -11.09 5.72
CA GLU E 193 -28.61 -10.93 4.37
C GLU E 193 -27.48 -10.82 3.35
N ASP E 194 -27.69 -11.37 2.17
CA ASP E 194 -26.78 -11.15 1.02
C ASP E 194 -27.60 -10.96 -0.26
N VAL E 195 -26.99 -10.40 -1.28
CA VAL E 195 -27.45 -10.47 -2.69
C VAL E 195 -26.54 -11.49 -3.42
N GLU E 196 -27.14 -12.42 -4.10
CA GLU E 196 -26.49 -13.37 -5.04
C GLU E 196 -26.65 -12.79 -6.45
N VAL E 197 -25.55 -12.39 -7.06
CA VAL E 197 -25.53 -11.82 -8.42
C VAL E 197 -25.04 -12.90 -9.36
N SER E 198 -25.86 -13.27 -10.32
CA SER E 198 -25.57 -14.39 -11.25
C SER E 198 -25.20 -13.78 -12.59
N LEU E 199 -23.91 -13.81 -12.93
CA LEU E 199 -23.40 -13.31 -14.22
C LEU E 199 -23.29 -14.50 -15.19
N ASN E 200 -24.20 -14.57 -16.15
CA ASN E 200 -24.16 -15.55 -17.26
C ASN E 200 -23.42 -14.87 -18.42
N PHE E 201 -22.24 -15.38 -18.76
CA PHE E 201 -21.39 -14.75 -19.80
C PHE E 201 -20.68 -15.82 -20.63
N ARG E 202 -20.15 -15.44 -21.78
CA ARG E 202 -19.36 -16.38 -22.59
C ARG E 202 -18.32 -15.64 -23.43
N LYS E 203 -17.36 -16.41 -23.95
CA LYS E 203 -16.36 -15.90 -24.90
C LYS E 203 -17.09 -15.57 -26.17
N LYS E 204 -16.66 -14.53 -26.89
CA LYS E 204 -17.27 -14.16 -28.19
C LYS E 204 -16.88 -15.15 -29.28
N GLY E 205 -17.68 -15.30 -30.34
CA GLY E 205 -17.32 -15.86 -31.67
C GLY E 205 -16.17 -15.10 -32.34
S1 7JI F . 9.84 -12.03 21.39
C2 7JI F . 8.44 -16.80 18.57
C3 7JI F . 9.73 -16.32 18.92
C4 7JI F . 11.38 -15.49 20.51
C5 7JI F . 12.44 -15.76 19.60
C6 7JI F . 12.15 -16.16 18.30
C9 7JI F . 8.23 -17.20 17.27
C10 7JI F . 13.86 -15.63 19.99
C11 7JI F . 14.47 -14.38 20.18
C12 7JI F . 15.81 -14.32 20.51
C13 7JI F . 16.60 -15.44 20.67
C14 7JI F . 15.99 -16.65 20.47
CL3 7JI F . 10.00 -9.26 20.37
C18 7JI F . 9.58 -10.92 20.13
N3 7JI F . 9.09 -11.36 19.02
C19 7JI F . 8.89 -12.72 19.16
C17 7JI F . 9.21 -13.27 20.36
C16 7JI F . 9.09 -14.71 20.73
N1 7JI F . 10.04 -15.66 20.07
O2 7JI F . 11.52 -15.13 21.69
C15 7JI F . 14.65 -16.78 20.12
CL2 7JI F . 16.95 -18.10 20.64
CL1 7JI F . 16.52 -12.75 20.75
O1 7JI F . 12.94 -16.42 17.40
N2 7JI F . 10.70 -16.29 17.96
C7 7JI F . 10.44 -16.69 16.67
C8 7JI F . 9.24 -17.15 16.31
C1 7JI F . 7.26 -16.90 19.52
S1 7JI G . 23.69 9.67 4.66
C2 7JI G . 25.47 4.41 3.57
C3 7JI G . 25.72 5.64 2.90
C4 7JI G . 26.33 8.01 2.83
C5 7JI G . 26.48 7.98 1.42
C6 7JI G . 26.12 6.82 0.71
C9 7JI G . 25.11 3.33 2.81
C10 7JI G . 27.05 9.11 0.65
C11 7JI G . 26.36 10.31 0.44
C12 7JI G . 26.95 11.31 -0.31
C13 7JI G . 28.20 11.20 -0.89
C14 7JI G . 28.85 10.00 -0.67
CL3 7JI G . 21.02 10.92 4.39
C18 7JI G . 22.00 9.51 4.46
N3 7JI G . 21.51 8.31 4.37
C19 7JI G . 22.57 7.43 4.47
C17 7JI G . 23.81 7.95 4.64
C16 7JI G . 25.09 7.19 4.76
N1 7JI G . 25.80 6.86 3.50
O2 7JI G . 26.62 8.97 3.56
C15 7JI G . 28.31 8.97 0.08
CL2 7JI G . 30.44 9.80 -1.36
CL1 7JI G . 26.08 12.79 -0.56
O1 7JI G . 26.20 6.62 -0.49
N2 7JI G . 25.59 5.68 1.53
C7 7JI G . 25.24 4.57 0.82
C8 7JI G . 25.00 3.40 1.43
C1 7JI G . 25.56 4.21 5.06
S1 7JI H . 3.23 22.69 -13.17
C2 7JI H . 7.23 19.70 -15.94
C3 7JI H . 6.02 20.32 -16.36
C4 7JI H . 4.49 22.21 -16.53
C5 7JI H . 3.79 21.58 -17.58
C6 7JI H . 4.09 20.27 -17.95
C9 7JI H . 7.45 18.40 -16.33
C10 7JI H . 2.76 22.32 -18.35
C11 7JI H . 1.49 22.62 -17.82
C12 7JI H . 0.57 23.31 -18.60
C13 7JI H . 0.84 23.73 -19.88
C14 7JI H . 2.08 23.42 -20.38
CL3 7JI H . 1.06 21.85 -11.34
C18 7JI H . 2.53 21.51 -12.16
N3 7JI H . 3.13 20.36 -12.06
C19 7JI H . 4.27 20.42 -12.85
C17 7JI H . 4.51 21.57 -13.52
C16 7JI H . 5.66 21.86 -14.42
N1 7JI H . 5.50 21.46 -15.85
O2 7JI H . 4.32 23.37 -16.13
C15 7JI H . 3.04 22.74 -19.65
CL2 7JI H . 2.48 23.93 -22.01
CL1 7JI H . -0.99 23.67 -17.92
O1 7JI H . 3.58 19.60 -18.83
N2 7JI H . 5.16 19.60 -17.15
C7 7JI H . 5.43 18.31 -17.51
C8 7JI H . 6.56 17.70 -17.12
C1 7JI H . 8.28 20.36 -15.08
S1 7JI I . -18.98 -11.84 13.51
C2 7JI I . -20.47 -14.02 8.42
C3 7JI I . -20.02 -14.65 9.63
C4 7JI I . -20.12 -15.03 12.03
C5 7JI I . -19.34 -16.21 11.90
C6 7JI I . -18.77 -16.54 10.67
C9 7JI I . -19.84 -14.38 7.26
C10 7JI I . -19.15 -17.14 13.04
C11 7JI I . -18.29 -16.87 14.10
C12 7JI I . -18.15 -17.79 15.12
C13 7JI I . -18.80 -19.01 15.15
C14 7JI I . -19.64 -19.26 14.09
CL3 7JI I . -16.52 -10.47 14.42
C18 7JI I . -17.49 -11.08 13.14
N3 7JI I . -17.16 -10.98 11.90
C19 7JI I . -18.16 -11.57 11.15
C17 7JI I . -19.22 -12.09 11.81
C16 7JI I . -20.41 -12.76 11.22
N1 7JI I . -20.29 -14.20 10.89
O2 7JI I . -20.69 -14.63 13.06
C15 7JI I . -19.82 -18.37 13.04
CL2 7JI I . -20.49 -20.78 14.06
CL1 7JI I . -17.08 -17.42 16.45
O1 7JI I . -18.08 -17.50 10.39
N2 7JI I . -19.03 -15.57 9.56
C7 7JI I . -18.43 -15.88 8.36
C8 7JI I . -18.81 -15.31 7.21
C1 7JI I . -21.58 -13.00 8.34
S1 7JI J . -23.05 9.21 -7.80
C2 7JI J . -21.01 8.25 -13.06
C3 7JI J . -22.09 7.71 -12.32
C4 7JI J . -24.12 7.91 -10.96
C5 7JI J . -24.44 6.54 -11.21
C6 7JI J . -23.54 5.72 -11.87
C9 7JI J . -20.16 7.38 -13.68
C10 7JI J . -25.75 5.98 -10.80
C11 7JI J . -26.08 5.77 -9.46
C12 7JI J . -27.32 5.24 -9.14
C13 7JI J . -28.26 4.90 -10.07
C14 7JI J . -27.92 5.13 -11.39
CL3 7JI J . -22.15 8.42 -5.11
C18 7JI J . -21.82 8.62 -6.78
N3 7JI J . -20.68 8.32 -7.32
C19 7JI J . -20.78 8.61 -8.67
C17 7JI J . -21.96 9.08 -9.13
C16 7JI J . -22.30 9.46 -10.53
N1 7JI J . -22.85 8.38 -11.40
O2 7JI J . -24.83 8.74 -10.40
C15 7JI J . -26.70 5.66 -11.77
CL2 7JI J . -29.08 4.72 -12.63
CL1 7JI J . -27.68 4.98 -7.45
O1 7JI J . -23.67 4.53 -12.15
N2 7JI J . -22.26 6.35 -12.28
C7 7JI J . -21.37 5.52 -12.93
C8 7JI J . -20.33 5.99 -13.63
C1 7JI J . -20.71 9.72 -13.19
#